data_1XL8
#
_entry.id   1XL8
#
_cell.length_a   163.610
_cell.length_b   163.610
_cell.length_c   159.480
_cell.angle_alpha   90.00
_cell.angle_beta   90.00
_cell.angle_gamma   120.00
#
_symmetry.space_group_name_H-M   'H 3'
#
loop_
_entity.id
_entity.type
_entity.pdbx_description
1 polymer 'Peroxisomal carnitine O-octanoyltransferase'
2 non-polymer CARNITINE
3 non-polymer OCTANOYLCARNITINE
4 non-polymer (4S)-2-METHYL-2,4-PENTANEDIOL
5 water water
#
_entity_poly.entity_id   1
_entity_poly.type   'polypeptide(L)'
_entity_poly.pdbx_seq_one_letter_code
;MENQLTKSVEERTFQYQDSLPSLPVPALEESLKKYLESVKPFANEDEYKKTEEIVQKFQEGAGKRLHQKLLERARGKRNW
LEEWWLNVAYLDVRIPSQLNVNFVGPCPHFEHYWPAREGTQLERGS(MSE)(MSE)LWHNLNYWQLLRREKLPVHKSGNT
PLD(MSE)NQFR(MSE)LFSTCKVPGITRDSI(MSE)NYFKTESEGHCPTHIAVLCRGRAFVFDVLHEGCLITPPELLRQ
LTYIHKKCSNEPVGPSIAALTSEERTRWAKAREYLISLDPENLTLLEKIQTSLFVYSIEDSSPHATPEEYSQVFE(MSE)
LLGGDPSVRWGDKSYNLISFANGIFGCCCDHAPYDA(MSE)V(MSE)VNIAHYVDERVLETEGRWKGSEKVRDIPLPEEL
VFTVDEKILNDVSQAKAQHLKAASDLQIAASTFTSFGKKLTKEEALHPDTFIQLALQLAYYRLHGRPGCCYETA(MSE)T
RYFYHGRTETVRSCTVEAVRWCQS(MSE)QDPSASLLERQQK(MSE)LEAFAKHNK(MSE)(MSE)KDCSHGKGFDRHLL
GLLLIAKEEGLPVPELFEDPLFSRSGGGGNFVLSTSLVGYLRVQGVVVP(MSE)VHNGYGFFYHIRDDRFVVACSSWRSC
PETDAEKLVQ(MSE)IFHAFHD(MSE)IQL(MSE)NTAHL
;
_entity_poly.pdbx_strand_id   A,B
#
loop_
_chem_comp.id
_chem_comp.type
_chem_comp.name
_chem_comp.formula
152 non-polymer CARNITINE 'C7 H16 N O3 1'
MPD non-polymer (4S)-2-METHYL-2,4-PENTANEDIOL 'C6 H14 O2'
OCB non-polymer OCTANOYLCARNITINE 'C15 H30 N O4 1'
#
# COMPACT_ATOMS: atom_id res chain seq x y z
N GLU A 11 -42.50 -74.67 14.36
CA GLU A 11 -41.07 -74.27 14.20
C GLU A 11 -40.82 -72.84 14.64
N ARG A 12 -39.82 -72.64 15.51
CA ARG A 12 -39.48 -71.31 16.01
C ARG A 12 -38.25 -70.73 15.32
N THR A 13 -38.21 -69.40 15.25
CA THR A 13 -37.13 -68.68 14.58
C THR A 13 -35.70 -69.05 14.97
N PHE A 14 -35.40 -69.17 16.26
CA PHE A 14 -34.05 -69.49 16.69
C PHE A 14 -33.83 -70.90 17.23
N GLN A 15 -34.74 -71.83 16.94
CA GLN A 15 -34.60 -73.18 17.46
C GLN A 15 -33.47 -74.03 16.86
N TYR A 16 -32.85 -73.57 15.78
CA TYR A 16 -31.76 -74.33 15.18
C TYR A 16 -30.37 -73.82 15.51
N GLN A 17 -30.30 -72.74 16.29
CA GLN A 17 -29.03 -72.14 16.68
C GLN A 17 -28.09 -73.08 17.44
N ASP A 18 -28.63 -73.90 18.36
CA ASP A 18 -27.79 -74.82 19.12
C ASP A 18 -27.34 -76.02 18.28
N SER A 19 -27.89 -76.16 17.08
CA SER A 19 -27.51 -77.29 16.24
C SER A 19 -26.59 -76.87 15.10
N LEU A 20 -26.34 -75.57 14.98
CA LEU A 20 -25.49 -75.07 13.91
C LEU A 20 -24.06 -75.53 14.12
N PRO A 21 -23.36 -75.89 13.02
CA PRO A 21 -21.97 -76.34 13.15
C PRO A 21 -21.02 -75.15 13.38
N SER A 22 -19.86 -75.44 13.94
CA SER A 22 -18.87 -74.42 14.23
C SER A 22 -18.27 -73.85 12.95
N LEU A 23 -17.86 -72.58 12.99
CA LEU A 23 -17.21 -71.99 11.83
C LEU A 23 -15.93 -72.78 11.74
N PRO A 24 -15.60 -73.30 10.55
CA PRO A 24 -14.37 -74.09 10.43
C PRO A 24 -13.10 -73.29 10.22
N VAL A 25 -11.97 -73.95 10.39
CA VAL A 25 -10.68 -73.35 10.14
C VAL A 25 -10.11 -74.15 8.98
N PRO A 26 -9.88 -73.50 7.84
CA PRO A 26 -9.35 -74.22 6.67
C PRO A 26 -7.97 -74.82 6.96
N ALA A 27 -7.53 -75.70 6.06
CA ALA A 27 -6.21 -76.31 6.19
C ALA A 27 -5.24 -75.21 5.82
N LEU A 28 -4.13 -75.10 6.56
CA LEU A 28 -3.15 -74.06 6.28
C LEU A 28 -2.66 -74.09 4.83
N GLU A 29 -2.25 -75.26 4.36
CA GLU A 29 -1.73 -75.37 3.00
C GLU A 29 -2.77 -74.96 1.97
N GLU A 30 -4.03 -75.37 2.17
CA GLU A 30 -5.09 -75.02 1.24
C GLU A 30 -5.24 -73.51 1.12
N SER A 31 -5.28 -72.83 2.27
CA SER A 31 -5.42 -71.39 2.30
C SER A 31 -4.28 -70.66 1.61
N LEU A 32 -3.04 -71.05 1.89
CA LEU A 32 -1.89 -70.41 1.29
C LEU A 32 -1.84 -70.61 -0.22
N LYS A 33 -2.27 -71.78 -0.68
CA LYS A 33 -2.29 -72.06 -2.12
C LYS A 33 -3.28 -71.12 -2.82
N LYS A 34 -4.43 -70.91 -2.20
CA LYS A 34 -5.44 -70.03 -2.76
C LYS A 34 -4.92 -68.60 -2.72
N TYR A 35 -4.17 -68.27 -1.67
CA TYR A 35 -3.60 -66.92 -1.57
C TYR A 35 -2.59 -66.71 -2.68
N LEU A 36 -1.65 -67.63 -2.83
CA LEU A 36 -0.62 -67.55 -3.87
C LEU A 36 -1.25 -67.39 -5.26
N GLU A 37 -2.30 -68.15 -5.52
CA GLU A 37 -2.99 -68.10 -6.80
C GLU A 37 -3.66 -66.74 -7.04
N SER A 38 -4.15 -66.12 -5.96
CA SER A 38 -4.84 -64.84 -6.07
C SER A 38 -3.95 -63.64 -6.38
N VAL A 39 -2.66 -63.73 -6.06
CA VAL A 39 -1.75 -62.61 -6.30
C VAL A 39 -1.17 -62.61 -7.72
N LYS A 40 -1.31 -63.73 -8.41
CA LYS A 40 -0.75 -63.84 -9.75
C LYS A 40 -1.15 -62.74 -10.72
N PRO A 41 -2.44 -62.35 -10.76
CA PRO A 41 -2.86 -61.30 -11.69
C PRO A 41 -2.17 -59.96 -11.47
N PHE A 42 -1.51 -59.79 -10.32
CA PHE A 42 -0.86 -58.52 -10.01
C PHE A 42 0.66 -58.62 -9.89
N ALA A 43 1.25 -59.71 -10.36
CA ALA A 43 2.69 -59.86 -10.24
C ALA A 43 3.41 -60.45 -11.44
N ASN A 44 4.69 -60.10 -11.53
CA ASN A 44 5.55 -60.61 -12.60
C ASN A 44 6.33 -61.78 -12.00
N GLU A 45 7.16 -62.42 -12.82
CA GLU A 45 7.95 -63.56 -12.36
C GLU A 45 8.65 -63.37 -11.01
N ASP A 46 9.38 -62.27 -10.90
CA ASP A 46 10.14 -61.97 -9.69
C ASP A 46 9.31 -61.77 -8.43
N GLU A 47 8.35 -60.84 -8.49
CA GLU A 47 7.50 -60.59 -7.34
C GLU A 47 6.85 -61.90 -6.91
N TYR A 48 6.31 -62.65 -7.87
CA TYR A 48 5.66 -63.91 -7.56
C TYR A 48 6.59 -64.89 -6.85
N LYS A 49 7.80 -65.09 -7.41
CA LYS A 49 8.76 -66.01 -6.81
C LYS A 49 9.11 -65.55 -5.40
N LYS A 50 9.22 -64.24 -5.23
CA LYS A 50 9.52 -63.68 -3.92
C LYS A 50 8.41 -64.07 -2.96
N THR A 51 7.18 -63.81 -3.37
CA THR A 51 6.01 -64.12 -2.56
C THR A 51 5.90 -65.61 -2.28
N GLU A 52 6.13 -66.43 -3.31
CA GLU A 52 6.05 -67.87 -3.16
C GLU A 52 7.04 -68.35 -2.10
N GLU A 53 8.22 -67.72 -2.07
CA GLU A 53 9.26 -68.06 -1.11
C GLU A 53 8.78 -67.71 0.29
N ILE A 54 8.24 -66.51 0.43
CA ILE A 54 7.72 -66.04 1.71
C ILE A 54 6.62 -66.99 2.22
N VAL A 55 5.71 -67.35 1.34
CA VAL A 55 4.61 -68.25 1.71
C VAL A 55 5.09 -69.63 2.16
N GLN A 56 6.10 -70.16 1.48
CA GLN A 56 6.63 -71.47 1.83
C GLN A 56 7.28 -71.46 3.21
N LYS A 57 8.04 -70.41 3.51
CA LYS A 57 8.67 -70.31 4.83
C LYS A 57 7.61 -70.17 5.90
N PHE A 58 6.56 -69.41 5.59
CA PHE A 58 5.46 -69.19 6.52
C PHE A 58 4.84 -70.54 6.84
N GLN A 59 4.47 -71.27 5.79
CA GLN A 59 3.85 -72.58 5.97
C GLN A 59 4.67 -73.51 6.86
N GLU A 60 5.98 -73.46 6.70
CA GLU A 60 6.86 -74.33 7.47
C GLU A 60 7.17 -73.83 8.87
N GLY A 61 7.24 -72.53 9.05
CA GLY A 61 7.57 -71.99 10.36
C GLY A 61 6.46 -71.32 11.16
N ALA A 62 6.53 -69.99 11.25
CA ALA A 62 5.57 -69.21 12.01
C ALA A 62 4.10 -69.53 11.71
N GLY A 63 3.75 -69.59 10.42
CA GLY A 63 2.38 -69.88 10.05
C GLY A 63 1.85 -71.18 10.65
N LYS A 64 2.67 -72.22 10.58
CA LYS A 64 2.28 -73.52 11.13
C LYS A 64 1.96 -73.41 12.61
N ARG A 65 2.69 -72.58 13.33
CA ARG A 65 2.48 -72.40 14.76
C ARG A 65 1.26 -71.52 15.04
N LEU A 66 1.09 -70.46 14.27
CA LEU A 66 -0.06 -69.57 14.45
C LEU A 66 -1.34 -70.32 14.07
N HIS A 67 -1.25 -71.19 13.08
CA HIS A 67 -2.39 -71.97 12.64
C HIS A 67 -2.79 -72.94 13.77
N GLN A 68 -1.80 -73.56 14.37
CA GLN A 68 -2.03 -74.49 15.47
C GLN A 68 -2.75 -73.75 16.61
N LYS A 69 -2.34 -72.51 16.85
CA LYS A 69 -2.97 -71.70 17.89
C LYS A 69 -4.38 -71.29 17.49
N LEU A 70 -4.61 -71.12 16.19
CA LEU A 70 -5.94 -70.75 15.72
C LEU A 70 -6.87 -71.94 15.96
N LEU A 71 -6.37 -73.14 15.71
CA LEU A 71 -7.17 -74.36 15.92
C LEU A 71 -7.58 -74.47 17.38
N GLU A 72 -6.65 -74.17 18.28
CA GLU A 72 -6.93 -74.25 19.71
C GLU A 72 -8.04 -73.25 20.08
N ARG A 73 -8.02 -72.10 19.42
CA ARG A 73 -9.02 -71.06 19.67
C ARG A 73 -10.39 -71.57 19.23
N ALA A 74 -10.41 -72.26 18.09
CA ALA A 74 -11.65 -72.80 17.55
C ALA A 74 -12.18 -73.93 18.43
N ARG A 75 -11.29 -74.56 19.18
CA ARG A 75 -11.70 -75.65 20.07
C ARG A 75 -12.64 -75.13 21.16
N GLY A 76 -12.44 -73.88 21.56
CA GLY A 76 -13.27 -73.30 22.60
C GLY A 76 -14.34 -72.32 22.15
N LYS A 77 -14.43 -72.07 20.85
CA LYS A 77 -15.43 -71.13 20.33
C LYS A 77 -16.19 -71.69 19.13
N ARG A 78 -17.52 -71.65 19.20
CA ARG A 78 -18.35 -72.15 18.12
C ARG A 78 -18.10 -71.31 16.87
N ASN A 79 -17.55 -70.12 17.10
CA ASN A 79 -17.19 -69.23 16.01
C ASN A 79 -15.97 -68.45 16.47
N TRP A 80 -14.82 -68.87 15.99
CA TRP A 80 -13.54 -68.26 16.36
C TRP A 80 -13.31 -66.86 15.83
N LEU A 81 -14.05 -66.49 14.78
CA LEU A 81 -13.90 -65.19 14.14
C LEU A 81 -14.79 -64.06 14.70
N GLU A 82 -16.00 -64.41 15.10
CA GLU A 82 -16.99 -63.49 15.66
C GLU A 82 -16.54 -62.19 16.33
N GLU A 83 -15.92 -62.32 17.49
CA GLU A 83 -15.48 -61.16 18.24
C GLU A 83 -14.40 -60.37 17.51
N TRP A 84 -13.38 -61.07 17.01
CA TRP A 84 -12.31 -60.40 16.27
C TRP A 84 -12.86 -59.59 15.09
N TRP A 85 -13.75 -60.20 14.31
CA TRP A 85 -14.33 -59.52 13.16
C TRP A 85 -15.08 -58.25 13.55
N LEU A 86 -15.89 -58.34 14.60
CA LEU A 86 -16.65 -57.20 15.07
C LEU A 86 -15.71 -56.05 15.46
N ASN A 87 -14.66 -56.38 16.21
CA ASN A 87 -13.69 -55.39 16.67
C ASN A 87 -12.81 -54.80 15.59
N VAL A 88 -12.15 -55.67 14.83
CA VAL A 88 -11.24 -55.19 13.79
C VAL A 88 -11.90 -54.66 12.52
N ALA A 89 -13.08 -55.15 12.18
CA ALA A 89 -13.73 -54.66 10.97
C ALA A 89 -14.64 -53.45 11.24
N TYR A 90 -15.11 -53.32 12.48
CA TYR A 90 -16.02 -52.22 12.80
C TYR A 90 -15.77 -51.39 14.06
N LEU A 91 -15.85 -52.03 15.22
CA LEU A 91 -15.70 -51.32 16.50
C LEU A 91 -14.39 -50.56 16.75
N ASP A 92 -13.28 -51.08 16.22
CA ASP A 92 -12.01 -50.42 16.43
C ASP A 92 -11.74 -49.29 15.45
N VAL A 93 -12.34 -49.34 14.27
CA VAL A 93 -12.15 -48.30 13.26
C VAL A 93 -12.57 -46.94 13.83
N ARG A 94 -11.73 -45.94 13.62
CA ARG A 94 -11.98 -44.59 14.14
C ARG A 94 -12.61 -43.59 13.19
N ILE A 95 -12.49 -43.80 11.88
CA ILE A 95 -13.09 -42.87 10.93
C ILE A 95 -14.60 -42.79 11.14
N PRO A 96 -15.24 -41.73 10.64
CA PRO A 96 -16.69 -41.59 10.81
C PRO A 96 -17.41 -42.79 10.18
N SER A 97 -18.04 -43.61 11.01
CA SER A 97 -18.74 -44.79 10.52
C SER A 97 -20.09 -44.50 9.84
N GLN A 98 -20.88 -43.59 10.42
CA GLN A 98 -22.18 -43.26 9.83
C GLN A 98 -22.12 -43.12 8.32
N LEU A 99 -21.17 -42.32 7.83
CA LEU A 99 -21.03 -42.10 6.40
C LEU A 99 -20.18 -43.15 5.66
N ASN A 100 -19.09 -43.58 6.29
CA ASN A 100 -18.17 -44.52 5.64
C ASN A 100 -18.39 -46.02 5.84
N VAL A 101 -19.24 -46.42 6.78
CA VAL A 101 -19.45 -47.83 7.02
C VAL A 101 -20.93 -48.26 7.00
N ASN A 102 -21.80 -47.39 7.51
CA ASN A 102 -23.23 -47.70 7.50
C ASN A 102 -23.67 -47.96 6.07
N PHE A 103 -24.66 -48.83 5.90
CA PHE A 103 -25.16 -49.11 4.57
C PHE A 103 -26.59 -48.56 4.49
N VAL A 104 -27.00 -48.14 3.30
CA VAL A 104 -28.35 -47.60 3.12
C VAL A 104 -29.10 -48.33 2.03
N GLY A 105 -30.42 -48.23 2.07
CA GLY A 105 -31.24 -48.88 1.08
C GLY A 105 -32.59 -48.18 0.97
N PRO A 106 -33.01 -47.81 -0.25
CA PRO A 106 -34.30 -47.14 -0.42
C PRO A 106 -35.43 -48.16 -0.36
N CYS A 107 -36.56 -47.78 0.23
CA CYS A 107 -37.70 -48.67 0.29
C CYS A 107 -38.34 -48.55 -1.09
N PRO A 108 -38.40 -49.68 -1.84
CA PRO A 108 -38.96 -49.74 -3.19
C PRO A 108 -40.47 -49.56 -3.36
N HIS A 109 -41.13 -48.99 -2.36
CA HIS A 109 -42.57 -48.78 -2.40
C HIS A 109 -43.05 -47.81 -3.47
N PHE A 110 -42.14 -47.04 -4.04
CA PHE A 110 -42.52 -46.08 -5.07
C PHE A 110 -42.62 -46.70 -6.46
N GLU A 111 -42.43 -48.02 -6.54
CA GLU A 111 -42.53 -48.72 -7.82
C GLU A 111 -43.99 -49.07 -8.10
N HIS A 112 -44.82 -49.05 -7.05
CA HIS A 112 -46.23 -49.36 -7.20
C HIS A 112 -47.18 -48.35 -6.56
N TYR A 113 -47.74 -48.73 -5.42
CA TYR A 113 -48.71 -47.91 -4.69
C TYR A 113 -48.25 -46.61 -4.03
N TRP A 114 -46.96 -46.46 -3.78
CA TRP A 114 -46.49 -45.23 -3.13
C TRP A 114 -45.52 -44.39 -3.94
N PRO A 115 -45.93 -43.91 -5.11
CA PRO A 115 -45.02 -43.09 -5.90
C PRO A 115 -44.68 -41.82 -5.14
N ALA A 116 -43.59 -41.16 -5.52
CA ALA A 116 -43.20 -39.92 -4.86
C ALA A 116 -44.37 -38.93 -4.98
N ARG A 117 -44.74 -38.30 -3.87
CA ARG A 117 -45.85 -37.36 -3.87
C ARG A 117 -45.92 -36.58 -2.56
N GLU A 118 -45.72 -35.27 -2.65
CA GLU A 118 -45.77 -34.39 -1.49
C GLU A 118 -47.02 -34.56 -0.64
N GLY A 119 -46.85 -34.36 0.67
CA GLY A 119 -47.97 -34.47 1.59
C GLY A 119 -48.38 -35.85 2.06
N THR A 120 -47.69 -36.89 1.59
CA THR A 120 -48.04 -38.25 1.99
C THR A 120 -47.11 -38.76 3.10
N GLN A 121 -46.18 -37.92 3.50
CA GLN A 121 -45.21 -38.27 4.54
C GLN A 121 -45.75 -38.88 5.83
N LEU A 122 -46.70 -38.20 6.46
CA LEU A 122 -47.26 -38.69 7.72
C LEU A 122 -48.22 -39.86 7.53
N GLU A 123 -48.95 -39.86 6.41
CA GLU A 123 -49.89 -40.94 6.14
C GLU A 123 -49.14 -42.24 5.94
N ARG A 124 -48.32 -42.30 4.90
CA ARG A 124 -47.53 -43.48 4.60
C ARG A 124 -46.66 -43.84 5.81
N GLY A 125 -46.08 -42.83 6.43
CA GLY A 125 -45.24 -43.06 7.59
C GLY A 125 -45.93 -43.84 8.70
N SER A 126 -47.21 -43.55 8.93
CA SER A 126 -47.94 -44.25 9.96
C SER A 126 -48.02 -45.74 9.63
N MSE A 127 -48.13 -46.03 8.34
CA MSE A 127 -48.21 -47.42 7.91
C MSE A 127 -46.83 -48.07 7.90
O MSE A 127 -46.68 -49.27 8.18
CB MSE A 127 -48.87 -47.52 6.53
CG MSE A 127 -50.35 -47.21 6.57
SE MSE A 127 -51.20 -47.21 4.84
CE MSE A 127 -50.54 -45.51 4.21
N MSE A 128 -45.80 -47.28 7.59
CA MSE A 128 -44.44 -47.78 7.58
C MSE A 128 -44.11 -48.30 8.97
O MSE A 128 -43.51 -49.37 9.12
CB MSE A 128 -43.47 -46.68 7.18
CG MSE A 128 -43.36 -46.46 5.70
SE MSE A 128 -42.77 -48.07 4.78
CE MSE A 128 -40.94 -48.12 5.40
N LEU A 129 -44.52 -47.54 9.98
CA LEU A 129 -44.26 -47.94 11.37
C LEU A 129 -45.07 -49.18 11.73
N TRP A 130 -46.33 -49.19 11.33
CA TRP A 130 -47.25 -50.29 11.59
C TRP A 130 -46.73 -51.64 11.09
N HIS A 131 -46.25 -51.68 9.85
CA HIS A 131 -45.72 -52.92 9.27
C HIS A 131 -44.40 -53.29 9.93
N ASN A 132 -43.52 -52.31 10.07
CA ASN A 132 -42.24 -52.56 10.70
C ASN A 132 -42.47 -53.18 12.08
N LEU A 133 -43.41 -52.61 12.83
CA LEU A 133 -43.70 -53.10 14.17
C LEU A 133 -44.32 -54.49 14.16
N ASN A 134 -45.05 -54.82 13.09
CA ASN A 134 -45.64 -56.14 13.01
C ASN A 134 -44.51 -57.17 12.82
N TYR A 135 -43.47 -56.76 12.09
CA TYR A 135 -42.32 -57.63 11.86
C TYR A 135 -41.63 -57.90 13.18
N TRP A 136 -41.49 -56.84 13.99
CA TRP A 136 -40.86 -56.96 15.31
C TRP A 136 -41.63 -57.97 16.15
N GLN A 137 -42.94 -57.84 16.13
CA GLN A 137 -43.80 -58.73 16.90
C GLN A 137 -43.59 -60.16 16.38
N LEU A 138 -43.43 -60.27 15.07
CA LEU A 138 -43.20 -61.56 14.43
C LEU A 138 -41.91 -62.17 15.01
N LEU A 139 -40.89 -61.33 15.18
CA LEU A 139 -39.62 -61.78 15.73
C LEU A 139 -39.70 -62.11 17.22
N ARG A 140 -40.32 -61.22 17.98
CA ARG A 140 -40.43 -61.45 19.41
C ARG A 140 -41.17 -62.74 19.73
N ARG A 141 -42.13 -63.10 18.86
CA ARG A 141 -42.89 -64.33 19.05
C ARG A 141 -42.22 -65.50 18.33
N GLU A 142 -41.05 -65.24 17.76
CA GLU A 142 -40.31 -66.27 17.03
C GLU A 142 -41.17 -66.94 15.96
N LYS A 143 -41.98 -66.13 15.28
CA LYS A 143 -42.86 -66.61 14.21
C LYS A 143 -42.20 -66.37 12.86
N LEU A 144 -41.07 -65.67 12.87
CA LEU A 144 -40.36 -65.38 11.63
C LEU A 144 -39.78 -66.70 11.11
N PRO A 145 -40.03 -67.02 9.83
CA PRO A 145 -39.54 -68.26 9.21
C PRO A 145 -38.02 -68.44 9.30
N VAL A 146 -37.60 -69.66 9.64
CA VAL A 146 -36.17 -69.97 9.73
C VAL A 146 -35.61 -70.03 8.31
N HIS A 147 -34.50 -69.32 8.06
CA HIS A 147 -33.91 -69.35 6.73
C HIS A 147 -33.26 -70.71 6.51
N LYS A 148 -33.50 -71.32 5.35
CA LYS A 148 -32.93 -72.62 5.06
C LYS A 148 -32.40 -72.74 3.65
N SER A 149 -31.32 -73.50 3.52
CA SER A 149 -30.71 -73.76 2.22
C SER A 149 -31.13 -75.22 2.04
N GLY A 150 -32.10 -75.46 1.16
CA GLY A 150 -32.58 -76.81 0.99
C GLY A 150 -33.24 -77.16 2.31
N ASN A 151 -32.69 -78.15 3.01
CA ASN A 151 -33.22 -78.56 4.31
C ASN A 151 -32.22 -78.18 5.40
N THR A 152 -31.20 -77.40 5.02
CA THR A 152 -30.17 -76.97 5.97
C THR A 152 -30.52 -75.61 6.56
N PRO A 153 -30.71 -75.54 7.88
CA PRO A 153 -31.04 -74.27 8.52
C PRO A 153 -29.85 -73.30 8.51
N LEU A 154 -30.14 -72.02 8.38
CA LEU A 154 -29.10 -71.00 8.36
C LEU A 154 -29.14 -70.17 9.65
N ASP A 155 -28.00 -69.61 10.00
CA ASP A 155 -27.93 -68.81 11.22
C ASP A 155 -28.94 -67.67 11.17
N MSE A 156 -29.59 -67.40 12.30
CA MSE A 156 -30.59 -66.36 12.39
C MSE A 156 -30.25 -65.32 13.47
O MSE A 156 -31.06 -64.44 13.78
CB MSE A 156 -31.96 -66.99 12.74
CG MSE A 156 -32.51 -67.96 11.70
SE MSE A 156 -32.86 -67.11 9.98
CE MSE A 156 -34.48 -66.16 10.45
N ASN A 157 -29.04 -65.41 14.01
CA ASN A 157 -28.62 -64.50 15.06
C ASN A 157 -28.63 -63.00 14.73
N GLN A 158 -28.37 -62.65 13.47
CA GLN A 158 -28.37 -61.25 13.07
C GLN A 158 -29.73 -60.58 13.19
N PHE A 159 -30.79 -61.39 13.22
CA PHE A 159 -32.13 -60.83 13.34
C PHE A 159 -32.38 -60.25 14.72
N ARG A 160 -31.53 -60.63 15.68
CA ARG A 160 -31.64 -60.13 17.04
C ARG A 160 -31.13 -58.68 17.10
N MSE A 161 -30.35 -58.29 16.09
CA MSE A 161 -29.74 -56.96 16.03
C MSE A 161 -30.57 -55.91 15.30
O MSE A 161 -30.18 -54.74 15.25
CB MSE A 161 -28.37 -57.06 15.35
CG MSE A 161 -27.49 -58.19 15.88
SE MSE A 161 -27.20 -58.10 17.79
CE MSE A 161 -26.83 -59.95 18.17
N LEU A 162 -31.70 -56.34 14.74
CA LEU A 162 -32.55 -55.40 14.00
C LEU A 162 -33.25 -54.37 14.89
N PHE A 163 -33.81 -54.81 16.01
CA PHE A 163 -34.52 -53.92 16.93
C PHE A 163 -33.83 -53.78 18.29
N SER A 164 -34.04 -52.64 18.94
CA SER A 164 -33.47 -52.37 20.26
C SER A 164 -31.97 -52.63 20.31
N THR A 165 -31.29 -52.20 19.26
CA THR A 165 -29.86 -52.41 19.18
C THR A 165 -29.21 -51.11 18.77
N CYS A 166 -28.13 -50.76 19.46
CA CYS A 166 -27.45 -49.52 19.16
C CYS A 166 -25.98 -49.59 19.52
N LYS A 167 -25.18 -48.85 18.78
CA LYS A 167 -23.74 -48.80 19.03
C LYS A 167 -23.48 -47.67 20.04
N VAL A 168 -22.39 -47.81 20.77
CA VAL A 168 -21.97 -46.81 21.75
C VAL A 168 -20.50 -46.55 21.45
N PRO A 169 -20.14 -45.27 21.20
CA PRO A 169 -18.75 -44.94 20.89
C PRO A 169 -17.78 -45.14 22.05
N GLY A 170 -16.51 -45.37 21.71
CA GLY A 170 -15.48 -45.56 22.70
C GLY A 170 -14.28 -44.72 22.31
N ILE A 171 -13.38 -44.44 23.25
CA ILE A 171 -12.20 -43.65 22.93
C ILE A 171 -11.33 -44.37 21.90
N THR A 172 -11.23 -45.68 22.01
CA THR A 172 -10.44 -46.45 21.05
C THR A 172 -11.25 -47.58 20.43
N ARG A 173 -12.25 -48.07 21.16
CA ARG A 173 -13.09 -49.15 20.68
C ARG A 173 -14.57 -48.97 21.06
N ASP A 174 -15.44 -48.97 20.06
CA ASP A 174 -16.88 -48.83 20.30
C ASP A 174 -17.43 -50.16 20.83
N SER A 175 -18.68 -50.16 21.26
CA SER A 175 -19.31 -51.39 21.74
C SER A 175 -20.75 -51.46 21.22
N ILE A 176 -21.31 -52.66 21.18
CA ILE A 176 -22.66 -52.86 20.70
C ILE A 176 -23.61 -53.23 21.82
N MSE A 177 -24.75 -52.56 21.88
CA MSE A 177 -25.74 -52.83 22.91
C MSE A 177 -26.96 -53.46 22.25
O MSE A 177 -27.63 -52.83 21.43
CB MSE A 177 -26.13 -51.52 23.60
CG MSE A 177 -24.97 -50.80 24.30
SE MSE A 177 -24.29 -51.77 25.83
CE MSE A 177 -25.48 -51.04 27.16
N ASN A 178 -27.24 -54.70 22.62
CA ASN A 178 -28.38 -55.43 22.06
C ASN A 178 -29.38 -55.73 23.18
N TYR A 179 -30.48 -54.97 23.19
CA TYR A 179 -31.51 -55.12 24.21
C TYR A 179 -32.67 -56.00 23.77
N PHE A 180 -32.69 -56.38 22.49
CA PHE A 180 -33.78 -57.21 22.01
C PHE A 180 -33.88 -58.51 22.78
N LYS A 181 -35.10 -59.03 22.88
CA LYS A 181 -35.37 -60.28 23.56
C LYS A 181 -36.65 -60.90 23.01
N THR A 182 -36.69 -62.22 22.93
CA THR A 182 -37.90 -62.89 22.47
C THR A 182 -38.79 -63.05 23.69
N GLU A 183 -40.06 -63.35 23.47
CA GLU A 183 -41.00 -63.53 24.58
C GLU A 183 -40.49 -64.58 25.57
N SER A 184 -39.84 -65.61 25.05
CA SER A 184 -39.30 -66.70 25.86
C SER A 184 -38.16 -66.25 26.76
N GLU A 185 -37.39 -65.28 26.27
CA GLU A 185 -36.24 -64.77 27.01
C GLU A 185 -36.59 -63.72 28.05
N GLY A 186 -37.66 -62.97 27.82
CA GLY A 186 -38.05 -61.96 28.77
C GLY A 186 -38.57 -60.67 28.15
N HIS A 187 -38.63 -59.62 28.96
CA HIS A 187 -39.12 -58.33 28.52
C HIS A 187 -38.23 -57.70 27.45
N CYS A 188 -38.85 -56.90 26.57
CA CYS A 188 -38.16 -56.23 25.49
C CYS A 188 -38.70 -54.80 25.37
N PRO A 189 -37.82 -53.80 25.28
CA PRO A 189 -38.28 -52.41 25.16
C PRO A 189 -39.43 -52.33 24.16
N THR A 190 -40.43 -51.52 24.46
CA THR A 190 -41.59 -51.41 23.59
C THR A 190 -41.83 -50.01 23.04
N HIS A 191 -40.81 -49.18 23.06
CA HIS A 191 -40.93 -47.82 22.56
C HIS A 191 -40.03 -47.58 21.35
N ILE A 192 -40.41 -46.63 20.51
CA ILE A 192 -39.59 -46.27 19.37
C ILE A 192 -39.16 -44.84 19.64
N ALA A 193 -38.12 -44.39 18.95
CA ALA A 193 -37.63 -43.03 19.12
C ALA A 193 -37.74 -42.31 17.79
N VAL A 194 -38.30 -41.11 17.82
CA VAL A 194 -38.46 -40.31 16.62
C VAL A 194 -37.60 -39.05 16.69
N LEU A 195 -36.88 -38.78 15.62
CA LEU A 195 -36.02 -37.60 15.56
C LEU A 195 -36.66 -36.62 14.60
N CYS A 196 -36.80 -35.38 15.06
CA CYS A 196 -37.42 -34.35 14.22
C CYS A 196 -36.89 -32.96 14.60
N ARG A 197 -36.57 -32.16 13.58
CA ARG A 197 -36.08 -30.80 13.80
C ARG A 197 -35.08 -30.70 14.94
N GLY A 198 -34.01 -31.51 14.88
CA GLY A 198 -32.99 -31.49 15.91
C GLY A 198 -33.46 -31.94 17.28
N ARG A 199 -34.66 -32.49 17.35
CA ARG A 199 -35.21 -32.95 18.62
C ARG A 199 -35.54 -34.45 18.62
N ALA A 200 -35.67 -35.02 19.82
CA ALA A 200 -35.96 -36.43 19.96
C ALA A 200 -37.19 -36.72 20.82
N PHE A 201 -38.14 -37.47 20.27
CA PHE A 201 -39.36 -37.86 20.97
C PHE A 201 -39.47 -39.37 21.02
N VAL A 202 -40.19 -39.89 22.00
CA VAL A 202 -40.39 -41.34 22.12
C VAL A 202 -41.78 -41.68 22.64
N PHE A 203 -42.32 -42.81 22.20
CA PHE A 203 -43.63 -43.26 22.67
C PHE A 203 -43.76 -44.77 22.61
N ASP A 204 -44.65 -45.30 23.44
CA ASP A 204 -44.88 -46.73 23.51
C ASP A 204 -45.77 -47.17 22.36
N VAL A 205 -45.34 -48.19 21.62
CA VAL A 205 -46.12 -48.68 20.49
C VAL A 205 -47.22 -49.65 20.91
N LEU A 206 -47.26 -49.95 22.20
CA LEU A 206 -48.27 -50.84 22.74
C LEU A 206 -49.29 -50.08 23.58
N HIS A 207 -50.49 -50.63 23.68
CA HIS A 207 -51.56 -50.04 24.47
C HIS A 207 -52.55 -51.14 24.83
N GLU A 208 -52.66 -51.41 26.13
CA GLU A 208 -53.55 -52.45 26.61
C GLU A 208 -53.11 -53.81 26.13
N GLY A 209 -51.82 -53.96 25.85
CA GLY A 209 -51.30 -55.24 25.41
C GLY A 209 -51.06 -55.42 23.91
N CYS A 210 -51.85 -54.76 23.07
CA CYS A 210 -51.68 -54.91 21.63
C CYS A 210 -51.04 -53.69 20.97
N LEU A 211 -50.52 -53.92 19.76
CA LEU A 211 -49.85 -52.91 18.97
C LEU A 211 -50.83 -51.83 18.53
N ILE A 212 -50.39 -50.58 18.52
CA ILE A 212 -51.26 -49.48 18.10
C ILE A 212 -51.39 -49.46 16.59
N THR A 213 -52.60 -49.16 16.12
CA THR A 213 -52.92 -49.12 14.70
C THR A 213 -52.36 -47.90 14.00
N PRO A 214 -52.34 -47.91 12.66
CA PRO A 214 -51.83 -46.79 11.87
C PRO A 214 -52.45 -45.45 12.26
N PRO A 215 -53.79 -45.39 12.36
CA PRO A 215 -54.44 -44.12 12.72
C PRO A 215 -53.83 -43.54 14.00
N GLU A 216 -53.62 -44.40 14.98
CA GLU A 216 -53.04 -43.96 16.25
C GLU A 216 -51.58 -43.57 16.02
N LEU A 217 -50.90 -44.32 15.16
CA LEU A 217 -49.51 -44.02 14.85
C LEU A 217 -49.44 -42.69 14.13
N LEU A 218 -50.52 -42.34 13.43
CA LEU A 218 -50.57 -41.08 12.71
C LEU A 218 -50.66 -39.91 13.69
N ARG A 219 -51.41 -40.10 14.78
CA ARG A 219 -51.54 -39.03 15.76
C ARG A 219 -50.19 -38.78 16.42
N GLN A 220 -49.51 -39.86 16.80
CA GLN A 220 -48.21 -39.77 17.44
C GLN A 220 -47.20 -39.00 16.60
N LEU A 221 -47.22 -39.22 15.29
CA LEU A 221 -46.30 -38.52 14.39
C LEU A 221 -46.79 -37.10 14.15
N THR A 222 -48.08 -36.89 14.34
CA THR A 222 -48.67 -35.57 14.15
C THR A 222 -48.30 -34.66 15.32
N TYR A 223 -48.42 -35.17 16.53
CA TYR A 223 -48.07 -34.38 17.71
C TYR A 223 -46.61 -33.94 17.64
N ILE A 224 -45.75 -34.85 17.18
CA ILE A 224 -44.32 -34.56 17.07
C ILE A 224 -44.02 -33.57 15.95
N HIS A 225 -44.54 -33.84 14.76
CA HIS A 225 -44.30 -32.97 13.62
C HIS A 225 -44.67 -31.52 13.95
N LYS A 226 -45.86 -31.32 14.51
CA LYS A 226 -46.33 -29.97 14.85
C LYS A 226 -45.52 -29.34 15.97
N LYS A 227 -45.27 -30.10 17.03
CA LYS A 227 -44.53 -29.61 18.18
C LYS A 227 -43.24 -28.89 17.82
N CYS A 228 -42.69 -29.17 16.63
CA CYS A 228 -41.46 -28.52 16.20
C CYS A 228 -41.43 -28.08 14.73
N SER A 229 -42.61 -27.95 14.13
CA SER A 229 -42.70 -27.54 12.73
C SER A 229 -42.65 -26.04 12.52
N ASN A 230 -43.32 -25.28 13.39
CA ASN A 230 -43.35 -23.82 13.28
C ASN A 230 -42.25 -23.14 14.09
N GLU A 231 -41.33 -23.95 14.62
CA GLU A 231 -40.21 -23.44 15.42
C GLU A 231 -38.88 -23.86 14.79
N PRO A 232 -37.81 -23.09 15.05
CA PRO A 232 -36.50 -23.44 14.48
C PRO A 232 -36.00 -24.79 15.00
N VAL A 233 -34.97 -25.31 14.35
CA VAL A 233 -34.38 -26.60 14.72
C VAL A 233 -34.01 -26.65 16.21
N GLY A 234 -33.76 -27.85 16.71
CA GLY A 234 -33.38 -28.01 18.12
C GLY A 234 -31.88 -28.20 18.26
N PRO A 235 -31.41 -28.62 19.45
CA PRO A 235 -29.98 -28.84 19.72
C PRO A 235 -29.25 -29.83 18.80
N SER A 236 -29.99 -30.72 18.15
CA SER A 236 -29.39 -31.69 17.23
C SER A 236 -28.27 -32.55 17.83
N ILE A 237 -28.49 -33.07 19.04
CA ILE A 237 -27.49 -33.92 19.68
C ILE A 237 -27.15 -35.09 18.76
N ALA A 238 -28.15 -35.56 18.00
CA ALA A 238 -28.00 -36.67 17.07
C ALA A 238 -26.83 -36.50 16.11
N ALA A 239 -26.67 -35.28 15.58
CA ALA A 239 -25.60 -35.00 14.62
C ALA A 239 -24.22 -35.45 15.08
N LEU A 240 -24.04 -35.61 16.40
CA LEU A 240 -22.76 -36.04 16.94
C LEU A 240 -22.45 -37.51 16.63
N THR A 241 -23.47 -38.26 16.19
CA THR A 241 -23.28 -39.67 15.88
C THR A 241 -22.58 -39.86 14.54
N SER A 242 -22.50 -38.78 13.76
CA SER A 242 -21.86 -38.84 12.45
C SER A 242 -20.39 -38.43 12.50
N GLU A 243 -19.86 -38.24 13.70
CA GLU A 243 -18.47 -37.82 13.87
C GLU A 243 -17.44 -38.94 13.96
N GLU A 244 -16.18 -38.52 13.93
CA GLU A 244 -15.05 -39.42 14.04
C GLU A 244 -15.35 -40.12 15.37
N ARG A 245 -15.15 -41.43 15.41
CA ARG A 245 -15.48 -42.20 16.61
C ARG A 245 -14.95 -41.71 17.96
N THR A 246 -13.72 -41.21 18.01
CA THR A 246 -13.17 -40.74 19.28
C THR A 246 -13.80 -39.41 19.71
N ARG A 247 -14.02 -38.50 18.77
CA ARG A 247 -14.63 -37.21 19.09
C ARG A 247 -16.02 -37.45 19.68
N TRP A 248 -16.82 -38.27 19.00
CA TRP A 248 -18.18 -38.59 19.45
C TRP A 248 -18.09 -39.19 20.86
N ALA A 249 -17.13 -40.08 21.07
CA ALA A 249 -16.96 -40.70 22.38
C ALA A 249 -16.65 -39.63 23.44
N LYS A 250 -15.89 -38.62 23.06
CA LYS A 250 -15.53 -37.55 23.99
C LYS A 250 -16.72 -36.63 24.23
N ALA A 251 -17.46 -36.32 23.16
CA ALA A 251 -18.63 -35.46 23.27
C ALA A 251 -19.72 -36.10 24.13
N ARG A 252 -19.84 -37.42 24.03
CA ARG A 252 -20.84 -38.16 24.79
C ARG A 252 -20.54 -38.11 26.30
N GLU A 253 -19.30 -38.42 26.67
CA GLU A 253 -18.89 -38.40 28.07
C GLU A 253 -19.15 -37.02 28.68
N TYR A 254 -18.88 -35.99 27.88
CA TYR A 254 -19.08 -34.61 28.29
C TYR A 254 -20.57 -34.34 28.47
N LEU A 255 -21.33 -34.51 27.40
CA LEU A 255 -22.77 -34.30 27.43
C LEU A 255 -23.37 -34.93 28.69
N ILE A 256 -22.82 -36.06 29.09
CA ILE A 256 -23.30 -36.76 30.28
C ILE A 256 -22.82 -36.06 31.56
N SER A 257 -21.56 -35.64 31.58
CA SER A 257 -20.99 -34.97 32.74
C SER A 257 -21.78 -33.71 33.11
N LEU A 258 -22.47 -33.14 32.13
CA LEU A 258 -23.28 -31.94 32.34
C LEU A 258 -24.54 -32.28 33.13
N ASP A 259 -25.13 -33.42 32.82
CA ASP A 259 -26.35 -33.85 33.48
C ASP A 259 -26.40 -35.37 33.53
N PRO A 260 -26.39 -35.97 34.73
CA PRO A 260 -26.44 -37.42 34.90
C PRO A 260 -27.66 -38.01 34.21
N GLU A 261 -28.63 -37.15 33.92
CA GLU A 261 -29.87 -37.56 33.26
C GLU A 261 -29.68 -37.73 31.76
N ASN A 262 -28.70 -37.02 31.19
CA ASN A 262 -28.45 -37.14 29.76
C ASN A 262 -28.15 -38.59 29.41
N LEU A 263 -27.53 -39.31 30.34
CA LEU A 263 -27.22 -40.72 30.13
C LEU A 263 -28.53 -41.48 29.97
N THR A 264 -29.54 -41.04 30.72
CA THR A 264 -30.86 -41.67 30.67
C THR A 264 -31.53 -41.48 29.32
N LEU A 265 -31.39 -40.30 28.73
CA LEU A 265 -31.98 -40.01 27.43
C LEU A 265 -31.27 -40.82 26.35
N LEU A 266 -29.94 -40.87 26.43
CA LEU A 266 -29.16 -41.62 25.46
C LEU A 266 -29.58 -43.08 25.48
N GLU A 267 -29.83 -43.61 26.68
CA GLU A 267 -30.23 -44.99 26.82
C GLU A 267 -31.63 -45.21 26.27
N LYS A 268 -32.47 -44.17 26.33
CA LYS A 268 -33.82 -44.30 25.80
C LYS A 268 -33.74 -44.51 24.30
N ILE A 269 -32.86 -43.76 23.65
CA ILE A 269 -32.67 -43.86 22.21
C ILE A 269 -32.02 -45.21 21.86
N GLN A 270 -31.03 -45.61 22.66
CA GLN A 270 -30.32 -46.87 22.46
C GLN A 270 -31.20 -48.11 22.58
N THR A 271 -32.14 -48.08 23.52
CA THR A 271 -33.04 -49.21 23.77
C THR A 271 -34.28 -49.24 22.89
N SER A 272 -34.62 -48.13 22.23
CA SER A 272 -35.81 -48.09 21.38
C SER A 272 -35.78 -49.18 20.31
N LEU A 273 -36.96 -49.69 19.96
CA LEU A 273 -37.09 -50.72 18.94
C LEU A 273 -36.28 -50.29 17.72
N PHE A 274 -36.32 -49.00 17.43
CA PHE A 274 -35.55 -48.42 16.33
C PHE A 274 -35.80 -46.91 16.24
N VAL A 275 -34.97 -46.22 15.46
CA VAL A 275 -35.10 -44.79 15.32
C VAL A 275 -35.78 -44.44 14.01
N TYR A 276 -36.79 -43.57 14.09
CA TYR A 276 -37.54 -43.12 12.94
C TYR A 276 -37.16 -41.67 12.71
N SER A 277 -36.60 -41.38 11.55
CA SER A 277 -36.15 -40.03 11.22
C SER A 277 -37.09 -39.32 10.25
N ILE A 278 -37.49 -38.10 10.63
CA ILE A 278 -38.36 -37.30 9.77
C ILE A 278 -37.55 -36.19 9.11
N GLU A 279 -37.34 -36.33 7.81
CA GLU A 279 -36.59 -35.36 7.03
C GLU A 279 -37.58 -34.43 6.35
N ASP A 280 -37.09 -33.30 5.82
CA ASP A 280 -37.95 -32.36 5.12
C ASP A 280 -37.56 -32.29 3.66
N SER A 281 -36.47 -32.96 3.32
CA SER A 281 -35.97 -32.99 1.95
C SER A 281 -36.85 -33.91 1.10
N SER A 282 -36.71 -33.82 -0.21
CA SER A 282 -37.51 -34.64 -1.12
C SER A 282 -36.67 -35.16 -2.29
N PRO A 283 -36.04 -36.33 -2.11
CA PRO A 283 -35.20 -36.92 -3.16
C PRO A 283 -36.04 -37.39 -4.33
N HIS A 284 -35.57 -37.14 -5.54
CA HIS A 284 -36.28 -37.55 -6.74
C HIS A 284 -36.31 -39.07 -6.79
N ALA A 285 -37.48 -39.66 -6.55
CA ALA A 285 -37.62 -41.11 -6.56
C ALA A 285 -38.65 -41.63 -7.56
N THR A 286 -38.16 -42.24 -8.63
CA THR A 286 -39.02 -42.82 -9.66
C THR A 286 -38.35 -44.11 -10.13
N PRO A 287 -39.13 -45.06 -10.65
CA PRO A 287 -38.59 -46.34 -11.13
C PRO A 287 -37.38 -46.18 -12.05
N GLU A 288 -37.25 -45.00 -12.67
CA GLU A 288 -36.15 -44.73 -13.58
C GLU A 288 -34.95 -44.08 -12.89
N GLU A 289 -35.22 -43.02 -12.13
CA GLU A 289 -34.17 -42.29 -11.44
C GLU A 289 -34.42 -42.24 -9.94
N TYR A 290 -33.55 -42.92 -9.17
CA TYR A 290 -33.69 -42.95 -7.73
C TYR A 290 -32.35 -42.80 -7.03
N SER A 291 -31.29 -42.63 -7.81
CA SER A 291 -29.95 -42.48 -7.27
C SER A 291 -29.91 -41.39 -6.19
N GLN A 292 -30.74 -40.38 -6.37
CA GLN A 292 -30.83 -39.27 -5.42
C GLN A 292 -31.26 -39.77 -4.05
N VAL A 293 -32.05 -40.84 -4.01
CA VAL A 293 -32.51 -41.39 -2.75
C VAL A 293 -31.32 -41.94 -1.95
N PHE A 294 -30.37 -42.55 -2.67
CA PHE A 294 -29.17 -43.09 -2.05
C PHE A 294 -28.32 -41.97 -1.46
N GLU A 295 -28.16 -40.90 -2.22
CA GLU A 295 -27.36 -39.75 -1.80
C GLU A 295 -27.85 -39.09 -0.51
N MSE A 296 -29.15 -38.82 -0.43
CA MSE A 296 -29.71 -38.20 0.76
C MSE A 296 -29.79 -39.19 1.92
O MSE A 296 -29.91 -38.80 3.08
CB MSE A 296 -31.09 -37.62 0.46
CG MSE A 296 -31.01 -36.16 0.03
SE MSE A 296 -32.70 -35.39 -0.48
CE MSE A 296 -32.34 -35.16 -2.36
N LEU A 297 -29.72 -40.48 1.59
CA LEU A 297 -29.77 -41.52 2.60
C LEU A 297 -28.39 -41.55 3.29
N LEU A 298 -27.33 -41.49 2.50
CA LEU A 298 -25.97 -41.50 3.03
C LEU A 298 -25.54 -40.12 3.51
N GLY A 299 -26.17 -39.08 2.96
CA GLY A 299 -25.88 -37.73 3.36
C GLY A 299 -26.98 -37.26 4.29
N GLY A 300 -27.94 -36.51 3.74
CA GLY A 300 -29.06 -36.01 4.53
C GLY A 300 -28.69 -34.99 5.58
N ASP A 301 -29.59 -34.82 6.56
CA ASP A 301 -29.37 -33.87 7.64
C ASP A 301 -29.03 -34.63 8.91
N PRO A 302 -27.75 -34.62 9.30
CA PRO A 302 -27.29 -35.32 10.51
C PRO A 302 -28.10 -35.00 11.76
N SER A 303 -28.78 -33.86 11.75
CA SER A 303 -29.56 -33.43 12.91
C SER A 303 -30.67 -34.38 13.34
N VAL A 304 -31.15 -35.20 12.40
CA VAL A 304 -32.21 -36.16 12.71
C VAL A 304 -31.83 -37.62 12.39
N ARG A 305 -30.54 -37.91 12.36
CA ARG A 305 -30.06 -39.27 12.09
C ARG A 305 -29.28 -39.80 13.27
N TRP A 306 -29.52 -41.05 13.66
CA TRP A 306 -28.77 -41.64 14.75
C TRP A 306 -27.96 -42.79 14.15
N GLY A 307 -26.81 -42.43 13.60
CA GLY A 307 -25.94 -43.40 12.96
C GLY A 307 -25.56 -44.62 13.76
N ASP A 308 -25.57 -44.50 15.09
CA ASP A 308 -25.22 -45.62 15.96
C ASP A 308 -26.31 -46.68 16.03
N LYS A 309 -27.50 -46.33 15.53
CA LYS A 309 -28.63 -47.26 15.58
C LYS A 309 -28.50 -48.33 14.48
N SER A 310 -28.68 -49.58 14.87
CA SER A 310 -28.61 -50.69 13.93
C SER A 310 -29.63 -50.50 12.80
N TYR A 311 -30.78 -49.92 13.13
CA TYR A 311 -31.83 -49.70 12.15
C TYR A 311 -32.46 -48.31 12.31
N ASN A 312 -32.21 -47.45 11.33
CA ASN A 312 -32.72 -46.08 11.32
C ASN A 312 -33.61 -45.87 10.08
N LEU A 313 -34.92 -46.01 10.27
CA LEU A 313 -35.89 -45.83 9.20
C LEU A 313 -35.99 -44.34 8.84
N ILE A 314 -35.78 -44.01 7.57
CA ILE A 314 -35.81 -42.62 7.13
C ILE A 314 -37.05 -42.25 6.31
N SER A 315 -37.72 -41.18 6.74
CA SER A 315 -38.94 -40.71 6.06
C SER A 315 -38.72 -39.32 5.43
N PHE A 316 -38.92 -39.23 4.11
CA PHE A 316 -38.77 -37.95 3.43
C PHE A 316 -40.11 -37.26 3.22
N ALA A 317 -40.06 -36.00 2.79
CA ALA A 317 -41.25 -35.17 2.56
C ALA A 317 -42.14 -35.66 1.42
N ASN A 318 -41.53 -36.15 0.35
CA ASN A 318 -42.29 -36.64 -0.80
C ASN A 318 -42.84 -38.05 -0.57
N GLY A 319 -42.97 -38.43 0.71
CA GLY A 319 -43.49 -39.75 1.04
C GLY A 319 -42.60 -40.91 0.62
N ILE A 320 -41.32 -40.65 0.44
CA ILE A 320 -40.37 -41.68 0.06
C ILE A 320 -39.69 -42.17 1.33
N PHE A 321 -39.25 -43.43 1.34
CA PHE A 321 -38.61 -44.00 2.50
C PHE A 321 -37.27 -44.67 2.21
N GLY A 322 -36.44 -44.78 3.24
CA GLY A 322 -35.14 -45.41 3.09
C GLY A 322 -34.63 -45.85 4.45
N CYS A 323 -33.61 -46.69 4.46
CA CYS A 323 -33.03 -47.18 5.70
C CYS A 323 -31.53 -46.89 5.75
N CYS A 324 -31.02 -46.64 6.95
CA CYS A 324 -29.58 -46.42 7.15
C CYS A 324 -29.26 -47.26 8.37
N CYS A 325 -28.32 -48.19 8.21
CA CYS A 325 -27.97 -49.10 9.31
C CYS A 325 -26.50 -49.16 9.67
N ASP A 326 -26.24 -49.39 10.95
CA ASP A 326 -24.88 -49.54 11.43
C ASP A 326 -24.46 -50.94 10.99
N HIS A 327 -23.40 -51.01 10.18
CA HIS A 327 -22.90 -52.28 9.67
C HIS A 327 -22.23 -53.14 10.73
N ALA A 328 -21.93 -52.58 11.90
CA ALA A 328 -21.23 -53.32 12.94
C ALA A 328 -21.92 -54.58 13.52
N PRO A 329 -23.17 -54.47 13.97
CA PRO A 329 -23.89 -55.62 14.55
C PRO A 329 -24.39 -56.70 13.60
N TYR A 330 -24.60 -56.36 12.33
CA TYR A 330 -25.08 -57.35 11.37
C TYR A 330 -24.88 -56.93 9.93
N ASP A 331 -25.17 -57.84 9.02
CA ASP A 331 -25.00 -57.58 7.60
C ASP A 331 -26.31 -57.18 6.92
N ALA A 332 -26.23 -56.70 5.70
CA ALA A 332 -27.41 -56.22 4.97
C ALA A 332 -28.62 -57.15 4.75
N MSE A 333 -28.43 -58.46 4.78
CA MSE A 333 -29.57 -59.34 4.53
C MSE A 333 -30.76 -59.17 5.48
O MSE A 333 -31.91 -59.33 5.05
CB MSE A 333 -29.14 -60.80 4.46
CG MSE A 333 -28.42 -61.12 3.16
SE MSE A 333 -29.24 -60.26 1.58
CE MSE A 333 -30.68 -61.49 1.28
N VAL A 334 -30.50 -58.86 6.75
CA VAL A 334 -31.60 -58.67 7.70
C VAL A 334 -32.43 -57.44 7.30
N MSE A 335 -31.76 -56.35 6.95
CA MSE A 335 -32.46 -55.15 6.55
C MSE A 335 -33.23 -55.38 5.25
O MSE A 335 -34.35 -54.89 5.06
CB MSE A 335 -31.48 -53.99 6.40
CG MSE A 335 -32.13 -52.64 6.18
SE MSE A 335 -32.01 -52.09 4.33
CE MSE A 335 -30.47 -50.93 4.46
N VAL A 336 -32.63 -56.13 4.32
CA VAL A 336 -33.29 -56.45 3.07
C VAL A 336 -34.57 -57.26 3.36
N ASN A 337 -34.49 -58.19 4.31
CA ASN A 337 -35.64 -59.01 4.67
C ASN A 337 -36.84 -58.22 5.20
N ILE A 338 -36.62 -57.33 6.17
CA ILE A 338 -37.74 -56.56 6.70
C ILE A 338 -38.25 -55.57 5.66
N ALA A 339 -37.34 -54.94 4.93
CA ALA A 339 -37.73 -53.98 3.91
C ALA A 339 -38.61 -54.67 2.88
N HIS A 340 -38.26 -55.91 2.54
CA HIS A 340 -39.04 -56.65 1.58
C HIS A 340 -40.37 -57.06 2.19
N TYR A 341 -40.35 -57.49 3.44
CA TYR A 341 -41.57 -57.88 4.12
C TYR A 341 -42.57 -56.72 4.08
N VAL A 342 -42.10 -55.52 4.37
CA VAL A 342 -42.94 -54.34 4.36
C VAL A 342 -43.48 -54.10 2.96
N ASP A 343 -42.58 -54.20 1.96
CA ASP A 343 -42.95 -54.00 0.58
C ASP A 343 -44.12 -54.91 0.18
N GLU A 344 -44.09 -56.14 0.67
CA GLU A 344 -45.15 -57.10 0.38
C GLU A 344 -46.43 -56.66 1.08
N ARG A 345 -46.27 -56.18 2.31
CA ARG A 345 -47.43 -55.73 3.08
C ARG A 345 -48.08 -54.55 2.37
N VAL A 346 -47.27 -53.66 1.82
CA VAL A 346 -47.78 -52.51 1.10
C VAL A 346 -48.55 -52.97 -0.13
N LEU A 347 -48.00 -53.95 -0.83
CA LEU A 347 -48.64 -54.51 -2.03
C LEU A 347 -50.01 -55.12 -1.74
N GLU A 348 -50.08 -55.95 -0.70
CA GLU A 348 -51.34 -56.60 -0.35
C GLU A 348 -52.42 -55.61 0.02
N THR A 349 -52.04 -54.57 0.77
CA THR A 349 -52.98 -53.54 1.20
C THR A 349 -53.11 -52.38 0.23
N GLU A 350 -52.55 -52.53 -0.96
CA GLU A 350 -52.60 -51.47 -1.95
C GLU A 350 -52.10 -50.15 -1.35
N GLY A 351 -51.26 -50.27 -0.33
CA GLY A 351 -50.71 -49.10 0.33
C GLY A 351 -51.71 -48.32 1.16
N ARG A 352 -52.68 -49.03 1.75
CA ARG A 352 -53.70 -48.37 2.56
C ARG A 352 -54.06 -49.16 3.80
N TRP A 353 -54.57 -48.45 4.81
CA TRP A 353 -55.03 -49.07 6.04
C TRP A 353 -56.54 -49.17 5.85
N LYS A 354 -57.07 -50.37 5.95
CA LYS A 354 -58.49 -50.57 5.76
C LYS A 354 -59.19 -51.09 7.02
N GLY A 355 -58.56 -50.89 8.16
CA GLY A 355 -59.13 -51.34 9.42
C GLY A 355 -59.81 -50.18 10.14
N SER A 356 -60.07 -50.37 11.43
CA SER A 356 -60.74 -49.36 12.24
C SER A 356 -60.01 -48.02 12.20
N GLU A 357 -60.79 -46.94 12.20
CA GLU A 357 -60.22 -45.60 12.18
C GLU A 357 -60.20 -45.01 13.58
N LYS A 358 -60.70 -45.77 14.54
CA LYS A 358 -60.74 -45.31 15.93
C LYS A 358 -59.33 -45.00 16.42
N VAL A 359 -59.23 -43.99 17.27
CA VAL A 359 -57.95 -43.58 17.84
C VAL A 359 -58.07 -43.52 19.35
N ARG A 360 -57.81 -44.65 20.00
CA ARG A 360 -57.87 -44.73 21.46
C ARG A 360 -57.06 -43.62 22.11
N ASP A 361 -57.39 -43.30 23.35
CA ASP A 361 -56.69 -42.25 24.07
C ASP A 361 -55.37 -42.78 24.66
N ILE A 362 -54.30 -42.68 23.88
CA ILE A 362 -52.98 -43.16 24.31
C ILE A 362 -52.06 -41.98 24.58
N PRO A 363 -51.17 -42.11 25.59
CA PRO A 363 -50.22 -41.05 25.94
C PRO A 363 -49.58 -40.42 24.72
N LEU A 364 -49.27 -39.14 24.81
CA LEU A 364 -48.64 -38.42 23.70
C LEU A 364 -47.14 -38.64 23.73
N PRO A 365 -46.47 -38.42 22.59
CA PRO A 365 -45.02 -38.61 22.54
C PRO A 365 -44.31 -37.70 23.55
N GLU A 366 -43.38 -38.26 24.32
CA GLU A 366 -42.62 -37.49 25.30
C GLU A 366 -41.30 -37.09 24.69
N GLU A 367 -40.94 -35.82 24.82
CA GLU A 367 -39.68 -35.34 24.26
C GLU A 367 -38.50 -35.59 25.17
N LEU A 368 -37.35 -35.84 24.55
CA LEU A 368 -36.12 -36.07 25.28
C LEU A 368 -35.36 -34.76 25.17
N VAL A 369 -35.43 -33.96 26.23
CA VAL A 369 -34.77 -32.66 26.27
C VAL A 369 -33.39 -32.74 26.90
N PHE A 370 -32.38 -32.92 26.07
CA PHE A 370 -31.00 -33.02 26.56
C PHE A 370 -30.56 -31.73 27.25
N THR A 371 -29.64 -31.87 28.19
CA THR A 371 -29.08 -30.73 28.91
C THR A 371 -27.76 -30.42 28.22
N VAL A 372 -27.65 -29.23 27.63
CA VAL A 372 -26.44 -28.85 26.93
C VAL A 372 -25.92 -27.47 27.30
N ASP A 373 -24.71 -27.15 26.83
CA ASP A 373 -24.11 -25.85 27.07
C ASP A 373 -23.61 -25.26 25.77
N GLU A 374 -22.54 -24.47 25.83
CA GLU A 374 -21.99 -23.84 24.64
C GLU A 374 -21.03 -24.76 23.88
N LYS A 375 -20.30 -25.60 24.62
CA LYS A 375 -19.35 -26.52 24.00
C LYS A 375 -20.11 -27.53 23.11
N ILE A 376 -20.98 -28.31 23.73
CA ILE A 376 -21.77 -29.31 23.01
C ILE A 376 -22.31 -28.73 21.70
N LEU A 377 -22.93 -27.56 21.78
CA LEU A 377 -23.49 -26.93 20.59
C LEU A 377 -22.43 -26.67 19.53
N ASN A 378 -21.18 -26.46 19.96
CA ASN A 378 -20.10 -26.24 19.01
C ASN A 378 -19.76 -27.57 18.37
N ASP A 379 -19.73 -28.62 19.19
CA ASP A 379 -19.44 -29.97 18.70
C ASP A 379 -20.52 -30.38 17.71
N VAL A 380 -21.76 -30.05 18.04
CA VAL A 380 -22.89 -30.37 17.17
C VAL A 380 -22.75 -29.66 15.84
N SER A 381 -22.36 -28.39 15.90
CA SER A 381 -22.18 -27.58 14.69
C SER A 381 -21.05 -28.14 13.84
N GLN A 382 -19.99 -28.56 14.49
CA GLN A 382 -18.84 -29.12 13.79
C GLN A 382 -19.20 -30.46 13.14
N ALA A 383 -19.90 -31.31 13.90
CA ALA A 383 -20.32 -32.62 13.42
C ALA A 383 -21.10 -32.50 12.12
N LYS A 384 -22.08 -31.59 12.08
CA LYS A 384 -22.89 -31.39 10.88
C LYS A 384 -22.00 -31.05 9.69
N ALA A 385 -21.12 -30.08 9.92
CA ALA A 385 -20.21 -29.58 8.90
C ALA A 385 -19.29 -30.65 8.32
N GLN A 386 -18.70 -31.48 9.17
CA GLN A 386 -17.79 -32.51 8.67
C GLN A 386 -18.53 -33.61 7.92
N HIS A 387 -19.68 -34.03 8.43
CA HIS A 387 -20.46 -35.08 7.77
C HIS A 387 -20.97 -34.59 6.41
N LEU A 388 -21.53 -33.38 6.39
CA LEU A 388 -22.06 -32.79 5.17
C LEU A 388 -20.95 -32.53 4.16
N LYS A 389 -19.81 -32.05 4.63
CA LYS A 389 -18.70 -31.77 3.73
C LYS A 389 -18.21 -33.07 3.09
N ALA A 390 -17.94 -34.06 3.93
CA ALA A 390 -17.45 -35.36 3.45
C ALA A 390 -18.45 -36.03 2.52
N ALA A 391 -19.73 -35.97 2.87
CA ALA A 391 -20.78 -36.60 2.07
C ALA A 391 -20.95 -35.99 0.68
N SER A 392 -20.67 -34.70 0.55
CA SER A 392 -20.80 -34.00 -0.72
C SER A 392 -19.79 -34.51 -1.75
N ASP A 393 -18.76 -35.20 -1.28
CA ASP A 393 -17.73 -35.74 -2.16
C ASP A 393 -18.14 -37.10 -2.72
N LEU A 394 -19.29 -37.59 -2.27
CA LEU A 394 -19.80 -38.88 -2.70
C LEU A 394 -20.61 -38.83 -3.99
N GLN A 395 -20.38 -39.78 -4.87
CA GLN A 395 -21.11 -39.87 -6.12
C GLN A 395 -21.79 -41.23 -6.22
N ILE A 396 -23.09 -41.23 -6.51
CA ILE A 396 -23.84 -42.47 -6.62
C ILE A 396 -24.48 -42.61 -7.99
N ALA A 397 -24.37 -43.81 -8.57
CA ALA A 397 -24.97 -44.10 -9.87
C ALA A 397 -25.79 -45.37 -9.72
N ALA A 398 -27.11 -45.25 -9.92
CA ALA A 398 -28.01 -46.39 -9.79
C ALA A 398 -28.82 -46.56 -11.06
N SER A 399 -28.93 -47.80 -11.55
CA SER A 399 -29.68 -48.08 -12.77
C SER A 399 -30.22 -49.50 -12.79
N THR A 400 -31.13 -49.75 -13.74
CA THR A 400 -31.75 -51.06 -13.90
C THR A 400 -31.49 -51.62 -15.30
N PHE A 401 -31.01 -52.85 -15.37
CA PHE A 401 -30.74 -53.49 -16.64
C PHE A 401 -31.83 -54.51 -16.93
N THR A 402 -32.49 -54.36 -18.09
CA THR A 402 -33.56 -55.27 -18.48
C THR A 402 -33.31 -55.84 -19.87
N LEU A 414 -25.31 -70.50 -16.11
CA LEU A 414 -24.58 -69.26 -15.85
C LEU A 414 -25.24 -68.45 -14.74
N HIS A 415 -24.81 -68.71 -13.50
CA HIS A 415 -25.36 -68.01 -12.34
C HIS A 415 -25.34 -66.49 -12.53
N PRO A 416 -26.45 -65.82 -12.19
CA PRO A 416 -26.59 -64.36 -12.33
C PRO A 416 -25.50 -63.58 -11.59
N ASP A 417 -25.18 -64.01 -10.37
CA ASP A 417 -24.17 -63.32 -9.56
C ASP A 417 -22.80 -63.42 -10.21
N THR A 418 -22.43 -64.63 -10.63
CA THR A 418 -21.15 -64.84 -11.28
C THR A 418 -21.10 -64.00 -12.56
N PHE A 419 -22.23 -63.97 -13.27
CA PHE A 419 -22.35 -63.21 -14.51
C PHE A 419 -22.05 -61.73 -14.28
N ILE A 420 -22.61 -61.18 -13.21
CA ILE A 420 -22.42 -59.78 -12.88
C ILE A 420 -21.00 -59.49 -12.42
N GLN A 421 -20.44 -60.41 -11.63
CA GLN A 421 -19.07 -60.25 -11.13
C GLN A 421 -18.06 -60.21 -12.27
N LEU A 422 -18.21 -61.11 -13.24
CA LEU A 422 -17.29 -61.14 -14.37
C LEU A 422 -17.50 -59.94 -15.26
N ALA A 423 -18.75 -59.53 -15.40
CA ALA A 423 -19.09 -58.37 -16.21
C ALA A 423 -18.42 -57.13 -15.60
N LEU A 424 -18.36 -57.09 -14.27
CA LEU A 424 -17.75 -55.97 -13.58
C LEU A 424 -16.24 -56.00 -13.83
N GLN A 425 -15.68 -57.20 -13.82
CA GLN A 425 -14.25 -57.37 -14.08
C GLN A 425 -13.91 -56.81 -15.46
N LEU A 426 -14.68 -57.21 -16.47
CA LEU A 426 -14.45 -56.74 -17.84
C LEU A 426 -14.65 -55.23 -17.92
N ALA A 427 -15.71 -54.74 -17.27
CA ALA A 427 -16.01 -53.31 -17.29
C ALA A 427 -14.87 -52.48 -16.71
N TYR A 428 -14.38 -52.89 -15.55
CA TYR A 428 -13.29 -52.17 -14.91
C TYR A 428 -12.03 -52.26 -15.77
N TYR A 429 -11.76 -53.47 -16.26
CA TYR A 429 -10.59 -53.71 -17.11
C TYR A 429 -10.62 -52.80 -18.33
N ARG A 430 -11.80 -52.62 -18.92
CA ARG A 430 -11.95 -51.77 -20.10
C ARG A 430 -11.85 -50.28 -19.76
N LEU A 431 -12.41 -49.89 -18.62
CA LEU A 431 -12.42 -48.48 -18.20
C LEU A 431 -11.08 -47.98 -17.65
N HIS A 432 -10.40 -48.82 -16.88
CA HIS A 432 -9.12 -48.43 -16.29
C HIS A 432 -7.92 -49.15 -16.90
N GLY A 433 -8.17 -50.02 -17.87
CA GLY A 433 -7.08 -50.72 -18.54
C GLY A 433 -6.23 -51.63 -17.68
N ARG A 434 -6.73 -52.00 -16.51
CA ARG A 434 -5.99 -52.90 -15.63
C ARG A 434 -6.96 -53.73 -14.78
N PRO A 435 -6.56 -54.94 -14.39
CA PRO A 435 -7.44 -55.79 -13.56
C PRO A 435 -7.75 -55.10 -12.24
N GLY A 436 -9.01 -55.11 -11.85
CA GLY A 436 -9.39 -54.48 -10.58
C GLY A 436 -9.53 -55.51 -9.47
N CYS A 437 -8.68 -55.43 -8.45
CA CYS A 437 -8.77 -56.38 -7.35
C CYS A 437 -10.15 -56.16 -6.74
N CYS A 438 -10.91 -57.23 -6.67
CA CYS A 438 -12.28 -57.16 -6.20
C CYS A 438 -12.63 -57.98 -4.96
N TYR A 439 -13.42 -57.38 -4.10
CA TYR A 439 -13.91 -58.01 -2.90
C TYR A 439 -15.38 -58.28 -3.13
N GLU A 440 -15.79 -59.53 -3.00
CA GLU A 440 -17.20 -59.88 -3.14
C GLU A 440 -17.58 -60.59 -1.86
N THR A 441 -18.65 -60.13 -1.23
CA THR A 441 -19.09 -60.74 0.00
C THR A 441 -19.63 -62.14 -0.22
N ALA A 442 -19.32 -63.04 0.72
CA ALA A 442 -19.80 -64.40 0.70
C ALA A 442 -20.35 -64.68 2.09
N MSE A 443 -21.63 -65.00 2.18
CA MSE A 443 -22.24 -65.29 3.47
C MSE A 443 -21.80 -66.68 3.91
O MSE A 443 -21.63 -67.58 3.09
CB MSE A 443 -23.77 -65.20 3.36
CG MSE A 443 -24.42 -66.25 2.47
SE MSE A 443 -24.86 -67.91 3.39
CE MSE A 443 -26.77 -67.69 3.50
N THR A 444 -21.60 -66.85 5.22
CA THR A 444 -21.20 -68.12 5.78
C THR A 444 -22.17 -68.49 6.90
N ARG A 445 -23.44 -68.19 6.67
CA ARG A 445 -24.48 -68.47 7.66
C ARG A 445 -24.78 -69.94 7.89
N TYR A 446 -24.09 -70.83 7.18
CA TYR A 446 -24.30 -72.26 7.42
C TYR A 446 -23.80 -72.56 8.83
N PHE A 447 -22.90 -71.71 9.32
CA PHE A 447 -22.27 -71.89 10.62
C PHE A 447 -22.79 -70.95 11.72
N TYR A 448 -22.56 -71.35 12.96
CA TYR A 448 -22.99 -70.57 14.12
C TYR A 448 -22.49 -69.13 14.04
N HIS A 449 -23.42 -68.19 14.10
CA HIS A 449 -23.13 -66.77 14.01
C HIS A 449 -22.24 -66.45 12.81
N GLY A 450 -22.34 -67.28 11.77
CA GLY A 450 -21.53 -67.04 10.60
C GLY A 450 -21.97 -65.76 9.91
N ARG A 451 -21.01 -64.90 9.58
CA ARG A 451 -21.35 -63.66 8.89
C ARG A 451 -20.88 -63.68 7.45
N THR A 452 -19.62 -63.32 7.21
CA THR A 452 -19.11 -63.27 5.84
C THR A 452 -17.66 -63.76 5.61
N GLU A 453 -17.35 -63.94 4.33
CA GLU A 453 -16.05 -64.36 3.87
C GLU A 453 -15.77 -63.58 2.59
N THR A 454 -14.50 -63.41 2.25
CA THR A 454 -14.13 -62.68 1.04
C THR A 454 -13.98 -63.58 -0.18
N VAL A 455 -14.57 -63.15 -1.29
CA VAL A 455 -14.46 -63.86 -2.55
C VAL A 455 -13.67 -62.91 -3.44
N ARG A 456 -12.51 -63.35 -3.91
CA ARG A 456 -11.68 -62.51 -4.78
C ARG A 456 -11.98 -62.76 -6.25
N SER A 457 -12.88 -61.95 -6.80
CA SER A 457 -13.30 -62.06 -8.20
C SER A 457 -12.22 -61.89 -9.25
N CYS A 458 -11.16 -61.16 -8.92
CA CYS A 458 -10.09 -60.93 -9.90
C CYS A 458 -9.13 -62.12 -9.95
N THR A 459 -9.58 -63.18 -10.61
CA THR A 459 -8.81 -64.42 -10.77
C THR A 459 -8.02 -64.44 -12.06
N VAL A 460 -7.12 -65.41 -12.20
CA VAL A 460 -6.33 -65.56 -13.41
C VAL A 460 -7.29 -65.81 -14.58
N GLU A 461 -8.27 -66.67 -14.35
CA GLU A 461 -9.27 -67.01 -15.38
C GLU A 461 -10.01 -65.77 -15.86
N ALA A 462 -10.47 -64.94 -14.92
CA ALA A 462 -11.19 -63.74 -15.27
C ALA A 462 -10.36 -62.80 -16.13
N VAL A 463 -9.09 -62.64 -15.76
CA VAL A 463 -8.18 -61.77 -16.50
C VAL A 463 -7.88 -62.31 -17.90
N ARG A 464 -7.59 -63.60 -18.01
CA ARG A 464 -7.31 -64.17 -19.33
C ARG A 464 -8.53 -63.96 -20.22
N TRP A 465 -9.72 -64.14 -19.65
CA TRP A 465 -10.94 -63.94 -20.42
C TRP A 465 -11.06 -62.48 -20.86
N CYS A 466 -10.80 -61.57 -19.93
CA CYS A 466 -10.87 -60.14 -20.25
C CYS A 466 -9.94 -59.79 -21.41
N GLN A 467 -8.71 -60.28 -21.35
CA GLN A 467 -7.74 -60.01 -22.40
C GLN A 467 -8.26 -60.50 -23.75
N SER A 468 -8.80 -61.71 -23.79
CA SER A 468 -9.33 -62.27 -25.03
C SER A 468 -10.48 -61.41 -25.55
N MSE A 469 -11.26 -60.84 -24.63
CA MSE A 469 -12.38 -59.98 -24.99
C MSE A 469 -11.90 -58.70 -25.65
O MSE A 469 -12.65 -58.03 -26.36
CB MSE A 469 -13.21 -59.63 -23.75
CG MSE A 469 -14.09 -60.77 -23.24
SE MSE A 469 -15.46 -61.29 -24.50
CE MSE A 469 -16.71 -59.85 -24.19
N GLN A 470 -10.64 -58.35 -25.41
CA GLN A 470 -10.07 -57.14 -25.98
C GLN A 470 -9.02 -57.49 -27.04
N ASP A 471 -8.92 -58.78 -27.35
CA ASP A 471 -7.97 -59.28 -28.33
C ASP A 471 -8.59 -59.44 -29.72
N PRO A 472 -8.29 -58.53 -30.65
CA PRO A 472 -8.81 -58.54 -32.02
C PRO A 472 -8.63 -59.87 -32.75
N SER A 473 -7.51 -60.54 -32.51
CA SER A 473 -7.23 -61.82 -33.16
C SER A 473 -7.91 -62.99 -32.47
N ALA A 474 -8.55 -62.74 -31.33
CA ALA A 474 -9.23 -63.79 -30.58
C ALA A 474 -10.49 -64.27 -31.30
N SER A 475 -10.69 -65.58 -31.32
CA SER A 475 -11.89 -66.14 -31.96
C SER A 475 -13.04 -66.17 -30.97
N LEU A 476 -14.25 -66.36 -31.48
CA LEU A 476 -15.43 -66.42 -30.63
C LEU A 476 -15.36 -67.65 -29.74
N LEU A 477 -14.90 -68.76 -30.30
CA LEU A 477 -14.78 -70.00 -29.54
C LEU A 477 -13.83 -69.83 -28.36
N GLU A 478 -12.77 -69.04 -28.57
CA GLU A 478 -11.78 -68.79 -27.53
C GLU A 478 -12.40 -67.95 -26.42
N ARG A 479 -13.05 -66.86 -26.81
CA ARG A 479 -13.68 -65.97 -25.86
C ARG A 479 -14.71 -66.66 -24.97
N GLN A 480 -15.63 -67.42 -25.57
CA GLN A 480 -16.65 -68.11 -24.79
C GLN A 480 -16.03 -69.21 -23.94
N GLN A 481 -15.08 -69.93 -24.50
CA GLN A 481 -14.41 -71.01 -23.79
C GLN A 481 -13.76 -70.46 -22.52
N LYS A 482 -13.08 -69.32 -22.66
CA LYS A 482 -12.41 -68.71 -21.53
C LYS A 482 -13.42 -68.07 -20.56
N MSE A 483 -14.49 -67.50 -21.11
CA MSE A 483 -15.50 -66.90 -20.26
C MSE A 483 -16.10 -67.98 -19.37
O MSE A 483 -16.34 -67.76 -18.18
CB MSE A 483 -16.60 -66.26 -21.09
CG MSE A 483 -17.59 -65.46 -20.25
SE MSE A 483 -19.18 -64.97 -21.19
CE MSE A 483 -18.57 -63.42 -22.17
N LEU A 484 -16.34 -69.15 -19.96
CA LEU A 484 -16.89 -70.27 -19.23
C LEU A 484 -15.96 -70.73 -18.13
N GLU A 485 -14.65 -70.78 -18.40
CA GLU A 485 -13.69 -71.21 -17.40
C GLU A 485 -13.69 -70.22 -16.23
N ALA A 486 -13.93 -68.96 -16.55
CA ALA A 486 -13.98 -67.92 -15.52
C ALA A 486 -15.18 -68.23 -14.63
N PHE A 487 -16.33 -68.50 -15.25
CA PHE A 487 -17.54 -68.83 -14.50
C PHE A 487 -17.32 -70.01 -13.56
N ALA A 488 -16.77 -71.09 -14.09
CA ALA A 488 -16.50 -72.30 -13.31
C ALA A 488 -15.63 -72.01 -12.09
N LYS A 489 -14.60 -71.20 -12.30
CA LYS A 489 -13.69 -70.83 -11.23
C LYS A 489 -14.41 -70.01 -10.15
N HIS A 490 -15.20 -69.03 -10.58
CA HIS A 490 -15.93 -68.19 -9.64
C HIS A 490 -17.01 -68.94 -8.89
N ASN A 491 -17.76 -69.81 -9.59
CA ASN A 491 -18.81 -70.59 -8.95
C ASN A 491 -18.21 -71.44 -7.83
N LYS A 492 -17.12 -72.12 -8.15
CA LYS A 492 -16.41 -72.96 -7.20
C LYS A 492 -15.95 -72.12 -6.00
N MSE A 493 -15.34 -70.99 -6.30
CA MSE A 493 -14.83 -70.06 -5.30
C MSE A 493 -15.96 -69.60 -4.37
O MSE A 493 -15.84 -69.66 -3.13
CB MSE A 493 -14.18 -68.88 -6.01
CG MSE A 493 -13.28 -68.01 -5.16
SE MSE A 493 -12.02 -67.05 -6.29
CE MSE A 493 -13.27 -66.27 -7.56
N MSE A 494 -17.06 -69.16 -4.95
CA MSE A 494 -18.20 -68.70 -4.15
C MSE A 494 -18.73 -69.82 -3.27
O MSE A 494 -19.14 -69.58 -2.13
CB MSE A 494 -19.31 -68.18 -5.06
CG MSE A 494 -20.61 -67.87 -4.35
SE MSE A 494 -20.43 -66.62 -2.87
CE MSE A 494 -20.49 -64.96 -3.87
N LYS A 495 -18.74 -71.05 -3.80
CA LYS A 495 -19.24 -72.20 -3.04
C LYS A 495 -18.34 -72.49 -1.85
N ASP A 496 -17.04 -72.61 -2.11
CA ASP A 496 -16.06 -72.90 -1.07
C ASP A 496 -16.06 -71.83 0.03
N CYS A 497 -16.06 -70.57 -0.38
CA CYS A 497 -16.05 -69.47 0.58
C CYS A 497 -17.26 -69.49 1.51
N SER A 498 -18.44 -69.72 0.94
CA SER A 498 -19.65 -69.75 1.74
C SER A 498 -19.63 -70.96 2.66
N HIS A 499 -18.89 -71.99 2.26
CA HIS A 499 -18.79 -73.22 3.06
C HIS A 499 -17.64 -73.14 4.05
N GLY A 500 -17.07 -71.94 4.20
CA GLY A 500 -15.98 -71.76 5.14
C GLY A 500 -14.62 -72.25 4.68
N LYS A 501 -14.42 -72.37 3.37
CA LYS A 501 -13.15 -72.85 2.83
C LYS A 501 -12.37 -71.72 2.14
N GLY A 502 -12.79 -70.49 2.40
CA GLY A 502 -12.09 -69.35 1.82
C GLY A 502 -10.82 -69.18 2.61
N PHE A 503 -10.01 -68.16 2.28
CA PHE A 503 -8.76 -67.97 2.99
C PHE A 503 -8.54 -66.59 3.62
N ASP A 504 -9.30 -65.59 3.17
CA ASP A 504 -9.14 -64.25 3.71
C ASP A 504 -9.33 -64.15 5.23
N ARG A 505 -10.43 -64.68 5.74
CA ARG A 505 -10.65 -64.62 7.19
C ARG A 505 -9.60 -65.45 7.91
N HIS A 506 -9.19 -66.54 7.27
CA HIS A 506 -8.19 -67.44 7.85
C HIS A 506 -6.86 -66.71 8.10
N LEU A 507 -6.37 -66.00 7.08
CA LEU A 507 -5.12 -65.27 7.24
C LEU A 507 -5.26 -64.19 8.29
N LEU A 508 -6.43 -63.58 8.37
CA LEU A 508 -6.69 -62.55 9.37
C LEU A 508 -6.55 -63.17 10.75
N GLY A 509 -7.12 -64.37 10.94
CA GLY A 509 -7.00 -65.05 12.20
C GLY A 509 -5.57 -65.30 12.64
N LEU A 510 -4.72 -65.74 11.70
CA LEU A 510 -3.32 -66.00 12.02
C LEU A 510 -2.68 -64.69 12.47
N LEU A 511 -2.90 -63.62 11.72
CA LEU A 511 -2.35 -62.32 12.06
C LEU A 511 -2.85 -61.88 13.44
N LEU A 512 -4.13 -62.10 13.71
CA LEU A 512 -4.71 -61.71 15.00
C LEU A 512 -4.21 -62.60 16.15
N ILE A 513 -3.79 -63.82 15.85
CA ILE A 513 -3.26 -64.70 16.89
C ILE A 513 -1.91 -64.10 17.32
N ALA A 514 -1.13 -63.65 16.35
CA ALA A 514 0.17 -63.06 16.62
C ALA A 514 0.02 -61.79 17.45
N LYS A 515 -0.77 -60.85 16.93
CA LYS A 515 -0.99 -59.59 17.60
C LYS A 515 -1.49 -59.74 19.04
N GLU A 516 -2.47 -60.60 19.24
CA GLU A 516 -3.03 -60.81 20.56
C GLU A 516 -2.00 -61.31 21.58
N GLU A 517 -0.90 -61.88 21.10
CA GLU A 517 0.14 -62.38 22.01
C GLU A 517 1.36 -61.46 21.99
N GLY A 518 1.24 -60.33 21.30
CA GLY A 518 2.33 -59.39 21.24
C GLY A 518 3.49 -59.83 20.38
N LEU A 519 3.25 -60.82 19.52
CA LEU A 519 4.28 -61.35 18.63
C LEU A 519 4.32 -60.51 17.35
N PRO A 520 5.49 -60.42 16.71
CA PRO A 520 5.64 -59.63 15.47
C PRO A 520 4.74 -60.03 14.31
N VAL A 521 4.48 -59.06 13.44
CA VAL A 521 3.65 -59.28 12.27
C VAL A 521 4.46 -60.10 11.27
N PRO A 522 3.94 -61.27 10.86
CA PRO A 522 4.65 -62.12 9.90
C PRO A 522 4.93 -61.38 8.59
N GLU A 523 6.08 -61.65 8.00
CA GLU A 523 6.50 -61.04 6.75
C GLU A 523 5.45 -61.17 5.65
N LEU A 524 4.69 -62.27 5.69
CA LEU A 524 3.64 -62.52 4.71
C LEU A 524 2.76 -61.30 4.47
N PHE A 525 2.37 -60.64 5.54
CA PHE A 525 1.49 -59.48 5.46
C PHE A 525 2.14 -58.17 5.02
N GLU A 526 3.47 -58.11 5.13
CA GLU A 526 4.21 -56.92 4.75
C GLU A 526 4.58 -56.97 3.28
N ASP A 527 4.41 -58.16 2.68
CA ASP A 527 4.70 -58.39 1.28
C ASP A 527 3.90 -57.40 0.43
N PRO A 528 4.55 -56.72 -0.52
CA PRO A 528 3.85 -55.76 -1.38
C PRO A 528 2.63 -56.36 -2.09
N LEU A 529 2.74 -57.62 -2.51
CA LEU A 529 1.64 -58.29 -3.19
C LEU A 529 0.44 -58.56 -2.30
N PHE A 530 0.68 -58.72 -1.00
CA PHE A 530 -0.41 -58.99 -0.08
C PHE A 530 -1.46 -57.88 -0.16
N SER A 531 -1.01 -56.63 -0.11
CA SER A 531 -1.94 -55.51 -0.19
C SER A 531 -2.33 -55.16 -1.63
N ARG A 532 -1.48 -55.50 -2.60
CA ARG A 532 -1.79 -55.19 -3.99
C ARG A 532 -2.93 -56.08 -4.47
N SER A 533 -2.99 -57.30 -3.94
CA SER A 533 -4.03 -58.25 -4.30
C SER A 533 -5.33 -57.90 -3.58
N GLY A 534 -5.25 -57.01 -2.59
CA GLY A 534 -6.46 -56.60 -1.88
C GLY A 534 -6.37 -56.63 -0.36
N GLY A 535 -5.41 -57.37 0.17
CA GLY A 535 -5.25 -57.46 1.61
C GLY A 535 -5.12 -56.11 2.29
N GLY A 536 -5.52 -56.04 3.56
CA GLY A 536 -5.45 -54.79 4.31
C GLY A 536 -6.49 -53.77 3.87
N GLY A 537 -7.66 -54.25 3.46
CA GLY A 537 -8.73 -53.38 3.03
C GLY A 537 -8.35 -52.49 1.85
N ASN A 538 -7.71 -53.08 0.84
CA ASN A 538 -7.28 -52.32 -0.33
C ASN A 538 -7.92 -52.73 -1.66
N PHE A 539 -9.17 -53.20 -1.62
CA PHE A 539 -9.86 -53.59 -2.85
C PHE A 539 -10.42 -52.38 -3.59
N VAL A 540 -10.04 -52.23 -4.86
CA VAL A 540 -10.52 -51.10 -5.66
C VAL A 540 -11.99 -51.31 -6.02
N LEU A 541 -12.46 -52.55 -5.88
CA LEU A 541 -13.85 -52.89 -6.15
C LEU A 541 -14.42 -53.55 -4.91
N SER A 542 -15.29 -52.83 -4.22
CA SER A 542 -15.94 -53.33 -3.01
C SER A 542 -17.35 -53.70 -3.45
N THR A 543 -17.67 -54.99 -3.40
CA THR A 543 -18.97 -55.42 -3.90
C THR A 543 -19.71 -56.46 -3.09
N SER A 544 -20.95 -56.70 -3.48
CA SER A 544 -21.81 -57.68 -2.85
C SER A 544 -23.19 -57.74 -3.48
N LEU A 545 -23.75 -58.94 -3.52
CA LEU A 545 -25.10 -59.16 -4.02
C LEU A 545 -25.95 -58.86 -2.79
N VAL A 546 -26.99 -58.05 -2.96
CA VAL A 546 -27.84 -57.74 -1.80
C VAL A 546 -29.07 -58.62 -1.73
N GLY A 547 -29.15 -59.62 -2.62
CA GLY A 547 -30.28 -60.53 -2.59
C GLY A 547 -31.18 -60.56 -3.81
N TYR A 548 -32.30 -61.27 -3.66
CA TYR A 548 -33.29 -61.38 -4.72
C TYR A 548 -34.62 -60.92 -4.17
N LEU A 549 -34.62 -59.84 -3.40
CA LEU A 549 -35.85 -59.33 -2.80
C LEU A 549 -36.22 -57.88 -3.14
N ARG A 550 -36.10 -57.52 -4.41
CA ARG A 550 -36.45 -56.18 -4.86
C ARG A 550 -35.90 -55.00 -4.07
N VAL A 551 -35.03 -55.27 -3.10
CA VAL A 551 -34.44 -54.18 -2.31
C VAL A 551 -32.99 -53.98 -2.72
N GLN A 552 -32.58 -52.73 -2.84
CA GLN A 552 -31.21 -52.39 -3.22
C GLN A 552 -30.55 -51.52 -2.16
N GLY A 553 -29.24 -51.65 -2.01
CA GLY A 553 -28.50 -50.87 -1.04
C GLY A 553 -27.13 -50.49 -1.54
N VAL A 554 -26.37 -49.77 -0.72
CA VAL A 554 -25.03 -49.36 -1.13
C VAL A 554 -24.24 -48.80 0.05
N VAL A 555 -22.93 -48.65 -0.16
CA VAL A 555 -22.01 -48.08 0.83
C VAL A 555 -20.95 -47.36 -0.01
N VAL A 556 -20.08 -46.60 0.65
CA VAL A 556 -19.03 -45.88 -0.07
C VAL A 556 -17.86 -46.84 -0.35
N PRO A 557 -17.02 -46.51 -1.34
CA PRO A 557 -15.88 -47.37 -1.69
C PRO A 557 -15.04 -47.71 -0.47
N MSE A 558 -14.12 -48.65 -0.64
CA MSE A 558 -13.23 -49.08 0.43
C MSE A 558 -11.94 -48.27 0.38
O MSE A 558 -11.26 -48.11 1.39
CB MSE A 558 -12.90 -50.57 0.28
CG MSE A 558 -12.09 -51.14 1.44
SE MSE A 558 -11.68 -53.00 1.17
CE MSE A 558 -13.47 -53.67 0.93
N VAL A 559 -11.62 -47.75 -0.80
CA VAL A 559 -10.44 -46.92 -0.99
C VAL A 559 -10.80 -45.70 -1.82
N HIS A 560 -10.07 -44.61 -1.60
CA HIS A 560 -10.29 -43.35 -2.30
C HIS A 560 -10.40 -43.50 -3.81
N ASN A 561 -9.49 -44.26 -4.41
CA ASN A 561 -9.51 -44.47 -5.85
C ASN A 561 -10.28 -45.75 -6.17
N GLY A 562 -11.25 -46.08 -5.34
CA GLY A 562 -12.02 -47.29 -5.56
C GLY A 562 -13.50 -47.08 -5.85
N TYR A 563 -14.19 -48.18 -6.09
CA TYR A 563 -15.61 -48.15 -6.37
C TYR A 563 -16.36 -49.02 -5.40
N GLY A 564 -17.64 -48.71 -5.24
CA GLY A 564 -18.52 -49.50 -4.40
C GLY A 564 -19.52 -50.00 -5.43
N PHE A 565 -19.68 -51.30 -5.58
CA PHE A 565 -20.63 -51.81 -6.56
C PHE A 565 -21.50 -52.89 -5.97
N PHE A 566 -22.78 -52.58 -5.83
CA PHE A 566 -23.74 -53.50 -5.25
C PHE A 566 -24.90 -53.68 -6.21
N TYR A 567 -25.64 -54.76 -6.04
CA TYR A 567 -26.72 -55.03 -6.96
C TYR A 567 -27.63 -56.09 -6.39
N HIS A 568 -28.80 -56.24 -7.00
CA HIS A 568 -29.74 -57.27 -6.58
C HIS A 568 -30.31 -57.86 -7.87
N ILE A 569 -30.80 -59.08 -7.79
CA ILE A 569 -31.30 -59.75 -8.99
C ILE A 569 -32.76 -60.17 -8.95
N ARG A 570 -33.50 -59.74 -9.97
CA ARG A 570 -34.91 -60.09 -10.11
C ARG A 570 -34.98 -61.02 -11.33
N ASP A 571 -35.99 -61.87 -11.38
CA ASP A 571 -36.12 -62.81 -12.48
C ASP A 571 -36.26 -62.16 -13.86
N ASP A 572 -36.30 -60.83 -13.89
CA ASP A 572 -36.45 -60.11 -15.15
C ASP A 572 -35.52 -58.92 -15.32
N ARG A 573 -34.67 -58.67 -14.33
CA ARG A 573 -33.78 -57.52 -14.43
C ARG A 573 -32.67 -57.54 -13.39
N PHE A 574 -31.65 -56.72 -13.63
CA PHE A 574 -30.54 -56.58 -12.70
C PHE A 574 -30.58 -55.12 -12.30
N VAL A 575 -30.42 -54.87 -11.00
CA VAL A 575 -30.42 -53.49 -10.51
C VAL A 575 -29.08 -53.26 -9.83
N VAL A 576 -28.40 -52.20 -10.21
CA VAL A 576 -27.10 -51.88 -9.63
C VAL A 576 -27.07 -50.51 -8.97
N ALA A 577 -26.11 -50.35 -8.08
CA ALA A 577 -25.88 -49.11 -7.35
C ALA A 577 -24.37 -49.04 -7.19
N CYS A 578 -23.77 -47.98 -7.73
CA CYS A 578 -22.33 -47.80 -7.68
C CYS A 578 -21.91 -46.49 -7.03
N SER A 579 -20.88 -46.55 -6.18
CA SER A 579 -20.39 -45.36 -5.50
C SER A 579 -18.93 -45.09 -5.86
N SER A 580 -18.54 -43.82 -5.82
CA SER A 580 -17.18 -43.41 -6.14
C SER A 580 -16.95 -42.04 -5.53
N TRP A 581 -15.69 -41.68 -5.33
CA TRP A 581 -15.39 -40.37 -4.75
C TRP A 581 -15.00 -39.35 -5.82
N ARG A 582 -15.67 -38.21 -5.79
CA ARG A 582 -15.41 -37.14 -6.76
C ARG A 582 -14.00 -36.60 -6.61
N SER A 583 -13.55 -36.49 -5.37
CA SER A 583 -12.20 -35.98 -5.10
C SER A 583 -11.16 -36.82 -5.83
N CYS A 584 -11.56 -38.00 -6.31
CA CYS A 584 -10.67 -38.86 -7.07
C CYS A 584 -11.03 -38.73 -8.54
N PRO A 585 -10.17 -38.06 -9.33
CA PRO A 585 -10.36 -37.83 -10.75
C PRO A 585 -10.38 -39.05 -11.66
N GLU A 586 -9.70 -40.11 -11.25
CA GLU A 586 -9.65 -41.32 -12.08
C GLU A 586 -10.92 -42.14 -12.09
N THR A 587 -11.70 -42.10 -11.01
CA THR A 587 -12.92 -42.88 -10.96
C THR A 587 -14.18 -42.09 -11.29
N ASP A 588 -15.17 -42.80 -11.82
CA ASP A 588 -16.45 -42.21 -12.19
C ASP A 588 -17.51 -43.31 -12.11
N ALA A 589 -18.33 -43.27 -11.07
CA ALA A 589 -19.38 -44.27 -10.86
C ALA A 589 -20.31 -44.39 -12.06
N GLU A 590 -20.63 -43.25 -12.67
CA GLU A 590 -21.54 -43.23 -13.81
C GLU A 590 -21.01 -44.02 -14.99
N LYS A 591 -19.79 -43.70 -15.41
CA LYS A 591 -19.19 -44.38 -16.56
C LYS A 591 -19.01 -45.88 -16.31
N LEU A 592 -18.75 -46.27 -15.07
CA LEU A 592 -18.57 -47.69 -14.74
C LEU A 592 -19.88 -48.45 -14.92
N VAL A 593 -20.97 -47.85 -14.47
CA VAL A 593 -22.28 -48.46 -14.61
C VAL A 593 -22.57 -48.62 -16.09
N GLN A 594 -22.26 -47.58 -16.86
CA GLN A 594 -22.47 -47.63 -18.31
C GLN A 594 -21.66 -48.79 -18.85
N MSE A 595 -20.38 -48.82 -18.49
CA MSE A 595 -19.47 -49.86 -18.96
C MSE A 595 -19.93 -51.28 -18.64
O MSE A 595 -19.81 -52.17 -19.48
CB MSE A 595 -18.07 -49.64 -18.39
CG MSE A 595 -17.38 -48.41 -18.94
SE MSE A 595 -17.21 -48.47 -20.87
CE MSE A 595 -15.55 -49.47 -21.01
N ILE A 596 -20.48 -51.50 -17.44
CA ILE A 596 -20.92 -52.84 -17.10
C ILE A 596 -22.15 -53.26 -17.91
N PHE A 597 -23.00 -52.29 -18.25
CA PHE A 597 -24.18 -52.61 -19.04
C PHE A 597 -23.72 -53.08 -20.42
N HIS A 598 -22.73 -52.38 -20.97
CA HIS A 598 -22.16 -52.74 -22.26
C HIS A 598 -21.52 -54.11 -22.15
N ALA A 599 -20.96 -54.39 -20.98
CA ALA A 599 -20.32 -55.68 -20.73
C ALA A 599 -21.40 -56.77 -20.70
N PHE A 600 -22.55 -56.46 -20.09
CA PHE A 600 -23.66 -57.42 -20.04
C PHE A 600 -24.04 -57.78 -21.47
N HIS A 601 -24.23 -56.75 -22.29
CA HIS A 601 -24.60 -56.90 -23.69
C HIS A 601 -23.58 -57.75 -24.44
N ASP A 602 -22.32 -57.32 -24.41
CA ASP A 602 -21.25 -58.03 -25.10
C ASP A 602 -21.23 -59.51 -24.70
N MSE A 603 -21.45 -59.78 -23.43
CA MSE A 603 -21.46 -61.15 -22.94
C MSE A 603 -22.69 -61.90 -23.47
O MSE A 603 -22.64 -63.11 -23.67
CB MSE A 603 -21.46 -61.18 -21.41
CG MSE A 603 -20.15 -60.71 -20.80
SE MSE A 603 -20.29 -60.42 -18.90
CE MSE A 603 -20.22 -62.25 -18.28
N ILE A 604 -23.77 -61.18 -23.69
CA ILE A 604 -24.99 -61.78 -24.22
C ILE A 604 -24.72 -62.27 -25.64
N GLN A 605 -24.26 -61.36 -26.48
CA GLN A 605 -23.95 -61.68 -27.87
C GLN A 605 -23.00 -62.87 -27.96
N LEU A 606 -21.93 -62.84 -27.18
CA LEU A 606 -20.94 -63.91 -27.20
C LEU A 606 -21.55 -65.26 -26.88
N MSE A 607 -22.69 -65.27 -26.20
CA MSE A 607 -23.34 -66.53 -25.83
C MSE A 607 -24.30 -66.96 -26.92
O MSE A 607 -24.37 -68.14 -27.27
CB MSE A 607 -24.10 -66.38 -24.52
CG MSE A 607 -23.26 -65.95 -23.34
SE MSE A 607 -24.34 -65.83 -21.75
CE MSE A 607 -25.53 -64.42 -22.30
N ASN A 608 -25.07 -66.01 -27.45
CA ASN A 608 -26.04 -66.30 -28.49
C ASN A 608 -25.33 -66.59 -29.81
N THR A 609 -24.27 -65.83 -30.09
CA THR A 609 -23.51 -66.01 -31.32
C THR A 609 -22.82 -67.37 -31.31
N ALA A 610 -22.20 -67.71 -30.17
CA ALA A 610 -21.51 -68.98 -30.02
C ALA A 610 -22.51 -70.11 -29.77
N HIS A 611 -23.65 -70.04 -30.44
CA HIS A 611 -24.71 -71.03 -30.29
C HIS A 611 -24.59 -72.11 -31.37
N LEU A 612 -24.18 -71.70 -32.57
CA LEU A 612 -24.02 -72.61 -33.71
C LEU A 612 -25.32 -73.33 -34.06
N GLU B 11 10.81 25.77 -0.41
CA GLU B 11 11.06 26.86 -1.40
C GLU B 11 12.55 27.23 -1.42
N ARG B 12 13.13 27.28 -2.62
CA ARG B 12 14.54 27.63 -2.76
C ARG B 12 14.71 29.04 -3.34
N THR B 13 15.72 29.74 -2.85
CA THR B 13 16.01 31.12 -3.27
C THR B 13 15.86 31.43 -4.75
N PHE B 14 16.50 30.65 -5.61
CA PHE B 14 16.47 30.88 -7.05
C PHE B 14 15.51 30.05 -7.90
N GLN B 15 14.62 29.29 -7.26
CA GLN B 15 13.71 28.44 -8.01
C GLN B 15 12.77 29.08 -9.04
N TYR B 16 12.41 30.35 -8.87
CA TYR B 16 11.51 31.01 -9.82
C TYR B 16 12.18 31.72 -10.99
N GLN B 17 13.50 31.81 -10.97
CA GLN B 17 14.24 32.49 -12.02
C GLN B 17 13.84 32.08 -13.43
N ASP B 18 13.65 30.78 -13.65
CA ASP B 18 13.26 30.32 -14.99
C ASP B 18 11.80 30.59 -15.36
N SER B 19 11.01 31.13 -14.43
CA SER B 19 9.60 31.42 -14.70
C SER B 19 9.34 32.92 -14.90
N LEU B 20 10.33 33.74 -14.55
CA LEU B 20 10.17 35.19 -14.68
C LEU B 20 9.92 35.65 -16.12
N PRO B 21 8.96 36.58 -16.29
CA PRO B 21 8.65 37.10 -17.63
C PRO B 21 9.79 37.96 -18.15
N SER B 22 9.90 38.05 -19.47
CA SER B 22 10.95 38.81 -20.12
C SER B 22 10.74 40.31 -20.00
N LEU B 23 11.84 41.06 -19.98
CA LEU B 23 11.75 42.50 -19.89
C LEU B 23 11.08 42.94 -21.18
N PRO B 24 9.97 43.66 -21.08
CA PRO B 24 9.27 44.10 -22.29
C PRO B 24 9.90 45.33 -22.94
N VAL B 25 9.47 45.59 -24.16
CA VAL B 25 9.91 46.74 -24.93
C VAL B 25 8.65 47.58 -24.96
N PRO B 26 8.71 48.82 -24.43
CA PRO B 26 7.52 49.68 -24.43
C PRO B 26 7.15 50.09 -25.84
N ALA B 27 5.96 50.64 -25.98
CA ALA B 27 5.48 51.12 -27.27
C ALA B 27 6.18 52.44 -27.54
N LEU B 28 6.68 52.60 -28.77
CA LEU B 28 7.39 53.78 -29.18
C LEU B 28 6.61 55.07 -29.02
N GLU B 29 5.34 55.06 -29.43
CA GLU B 29 4.48 56.22 -29.32
C GLU B 29 4.28 56.65 -27.86
N GLU B 30 4.05 55.68 -26.97
CA GLU B 30 3.88 56.04 -25.56
C GLU B 30 5.17 56.61 -24.98
N SER B 31 6.29 55.96 -25.28
CA SER B 31 7.57 56.43 -24.77
C SER B 31 7.85 57.85 -25.23
N LEU B 32 7.64 58.14 -26.50
CA LEU B 32 7.89 59.49 -27.00
C LEU B 32 6.91 60.50 -26.40
N LYS B 33 5.66 60.10 -26.20
CA LYS B 33 4.67 60.99 -25.61
C LYS B 33 5.06 61.33 -24.17
N LYS B 34 5.48 60.32 -23.41
CA LYS B 34 5.89 60.54 -22.02
C LYS B 34 7.11 61.45 -21.97
N TYR B 35 8.06 61.22 -22.87
CA TYR B 35 9.27 62.03 -22.94
C TYR B 35 8.95 63.51 -23.17
N LEU B 36 8.08 63.75 -24.15
CA LEU B 36 7.66 65.09 -24.53
C LEU B 36 6.96 65.77 -23.34
N GLU B 37 6.12 65.01 -22.65
CA GLU B 37 5.42 65.53 -21.50
C GLU B 37 6.45 65.88 -20.40
N SER B 38 7.56 65.14 -20.36
CA SER B 38 8.57 65.36 -19.34
C SER B 38 9.48 66.57 -19.56
N VAL B 39 9.55 67.10 -20.77
CA VAL B 39 10.40 68.27 -21.03
C VAL B 39 9.68 69.58 -20.78
N LYS B 40 8.35 69.55 -20.78
CA LYS B 40 7.55 70.74 -20.58
C LYS B 40 7.95 71.68 -19.43
N PRO B 41 8.35 71.14 -18.27
CA PRO B 41 8.74 72.02 -17.16
C PRO B 41 9.99 72.84 -17.40
N PHE B 42 10.76 72.46 -18.42
CA PHE B 42 12.02 73.13 -18.72
C PHE B 42 12.02 73.89 -20.02
N ALA B 43 10.86 73.94 -20.69
CA ALA B 43 10.79 74.60 -21.98
C ALA B 43 9.88 75.81 -22.10
N ASN B 44 10.23 76.69 -23.04
CA ASN B 44 9.44 77.86 -23.35
C ASN B 44 8.73 77.47 -24.65
N GLU B 45 7.67 78.19 -25.01
CA GLU B 45 6.92 77.89 -26.23
C GLU B 45 7.73 77.47 -27.45
N ASP B 46 8.75 78.25 -27.81
CA ASP B 46 9.55 77.94 -28.97
C ASP B 46 10.35 76.65 -28.87
N GLU B 47 11.00 76.44 -27.73
CA GLU B 47 11.79 75.23 -27.54
C GLU B 47 10.88 74.02 -27.63
N TYR B 48 9.76 74.06 -26.93
CA TYR B 48 8.85 72.94 -26.96
C TYR B 48 8.39 72.63 -28.39
N LYS B 49 7.96 73.66 -29.10
CA LYS B 49 7.50 73.49 -30.47
C LYS B 49 8.58 72.77 -31.28
N LYS B 50 9.83 73.18 -31.07
CA LYS B 50 10.96 72.58 -31.77
C LYS B 50 11.13 71.10 -31.43
N THR B 51 10.98 70.76 -30.16
CA THR B 51 11.11 69.38 -29.71
C THR B 51 10.01 68.49 -30.30
N GLU B 52 8.78 69.02 -30.36
CA GLU B 52 7.67 68.27 -30.93
C GLU B 52 7.99 67.85 -32.36
N GLU B 53 8.53 68.77 -33.15
CA GLU B 53 8.87 68.47 -34.53
C GLU B 53 9.94 67.38 -34.60
N ILE B 54 10.95 67.53 -33.76
CA ILE B 54 12.04 66.57 -33.73
C ILE B 54 11.51 65.19 -33.35
N VAL B 55 10.65 65.16 -32.34
CA VAL B 55 10.07 63.91 -31.87
C VAL B 55 9.15 63.27 -32.91
N GLN B 56 8.30 64.07 -33.56
CA GLN B 56 7.40 63.50 -34.57
C GLN B 56 8.18 62.95 -35.75
N LYS B 57 9.22 63.68 -36.15
CA LYS B 57 10.04 63.26 -37.28
C LYS B 57 10.75 61.96 -36.92
N PHE B 58 11.22 61.88 -35.68
CA PHE B 58 11.91 60.69 -35.19
C PHE B 58 10.96 59.49 -35.20
N GLN B 59 9.78 59.69 -34.60
CA GLN B 59 8.77 58.65 -34.51
C GLN B 59 8.33 58.09 -35.85
N GLU B 60 8.17 58.98 -36.84
CA GLU B 60 7.74 58.57 -38.17
C GLU B 60 8.92 58.22 -39.08
N GLY B 61 10.13 58.47 -38.62
CA GLY B 61 11.29 58.19 -39.45
C GLY B 61 12.28 57.19 -38.89
N ALA B 62 13.52 57.64 -38.71
CA ALA B 62 14.60 56.81 -38.20
C ALA B 62 14.30 56.18 -36.84
N GLY B 63 13.55 56.89 -36.00
CA GLY B 63 13.22 56.35 -34.70
C GLY B 63 12.39 55.09 -34.79
N LYS B 64 11.47 55.05 -35.75
CA LYS B 64 10.60 53.89 -35.92
C LYS B 64 11.48 52.70 -36.32
N ARG B 65 12.43 52.94 -37.21
CA ARG B 65 13.33 51.88 -37.68
C ARG B 65 14.22 51.38 -36.55
N LEU B 66 14.79 52.31 -35.77
CA LEU B 66 15.63 51.91 -34.67
C LEU B 66 14.81 51.04 -33.70
N HIS B 67 13.56 51.44 -33.46
CA HIS B 67 12.66 50.71 -32.56
C HIS B 67 12.32 49.32 -33.09
N GLN B 68 12.14 49.20 -34.40
CA GLN B 68 11.84 47.90 -34.99
C GLN B 68 13.04 46.98 -34.76
N LYS B 69 14.24 47.52 -34.85
CA LYS B 69 15.45 46.73 -34.61
C LYS B 69 15.48 46.33 -33.13
N LEU B 70 15.00 47.21 -32.26
CA LEU B 70 14.99 46.89 -30.83
C LEU B 70 14.04 45.72 -30.55
N LEU B 71 12.87 45.73 -31.17
CA LEU B 71 11.89 44.66 -31.00
C LEU B 71 12.52 43.35 -31.46
N GLU B 72 13.23 43.42 -32.58
CA GLU B 72 13.92 42.26 -33.12
C GLU B 72 14.94 41.75 -32.09
N ARG B 73 15.72 42.67 -31.52
CA ARG B 73 16.72 42.30 -30.52
C ARG B 73 16.07 41.64 -29.32
N ALA B 74 14.92 42.16 -28.91
CA ALA B 74 14.22 41.61 -27.76
C ALA B 74 13.67 40.21 -27.98
N ARG B 75 13.46 39.85 -29.24
CA ARG B 75 12.92 38.52 -29.55
C ARG B 75 13.80 37.42 -29.02
N GLY B 76 15.11 37.62 -29.10
CA GLY B 76 16.02 36.60 -28.61
C GLY B 76 16.63 36.90 -27.25
N LYS B 77 15.88 37.57 -26.37
CA LYS B 77 16.41 37.89 -25.04
C LYS B 77 15.35 38.00 -23.95
N ARG B 78 15.61 37.37 -22.81
CA ARG B 78 14.69 37.46 -21.68
C ARG B 78 14.82 38.87 -21.06
N ASN B 79 15.93 39.53 -21.36
CA ASN B 79 16.15 40.91 -20.91
C ASN B 79 17.04 41.59 -21.93
N TRP B 80 16.42 42.33 -22.84
CA TRP B 80 17.12 43.01 -23.93
C TRP B 80 18.05 44.12 -23.46
N LEU B 81 17.79 44.66 -22.27
CA LEU B 81 18.56 45.75 -21.69
C LEU B 81 19.79 45.38 -20.86
N GLU B 82 19.71 44.25 -20.17
CA GLU B 82 20.74 43.77 -19.26
C GLU B 82 22.22 44.05 -19.57
N GLU B 83 22.71 43.60 -20.72
CA GLU B 83 24.12 43.81 -21.05
C GLU B 83 24.46 45.26 -21.36
N TRP B 84 23.58 45.93 -22.10
CA TRP B 84 23.78 47.33 -22.45
C TRP B 84 23.88 48.20 -21.20
N TRP B 85 22.97 47.97 -20.26
CA TRP B 85 22.94 48.73 -19.01
C TRP B 85 24.24 48.57 -18.24
N LEU B 86 24.64 47.32 -17.98
CA LEU B 86 25.89 47.05 -17.25
C LEU B 86 27.06 47.83 -17.86
N ASN B 87 27.22 47.74 -19.18
CA ASN B 87 28.32 48.40 -19.87
C ASN B 87 28.23 49.92 -19.94
N VAL B 88 27.14 50.41 -20.52
CA VAL B 88 26.97 51.84 -20.70
C VAL B 88 26.81 52.63 -19.40
N ALA B 89 26.13 52.07 -18.42
CA ALA B 89 25.93 52.78 -17.16
C ALA B 89 27.10 52.60 -16.17
N TYR B 90 27.85 51.51 -16.31
CA TYR B 90 28.95 51.25 -15.37
C TYR B 90 30.32 50.87 -15.92
N LEU B 91 30.39 49.72 -16.58
CA LEU B 91 31.67 49.22 -17.07
C LEU B 91 32.46 50.06 -18.06
N ASP B 92 31.77 50.78 -18.94
CA ASP B 92 32.44 51.64 -19.92
C ASP B 92 32.90 52.97 -19.35
N VAL B 93 32.23 53.45 -18.30
CA VAL B 93 32.57 54.73 -17.69
C VAL B 93 34.02 54.71 -17.20
N ARG B 94 34.75 55.75 -17.57
CA ARG B 94 36.17 55.86 -17.25
C ARG B 94 36.53 56.62 -15.98
N ILE B 95 35.59 57.38 -15.43
CA ILE B 95 35.90 58.16 -14.23
C ILE B 95 36.08 57.24 -13.02
N PRO B 96 36.75 57.74 -11.97
CA PRO B 96 36.96 56.90 -10.79
C PRO B 96 35.62 56.41 -10.23
N SER B 97 35.36 55.11 -10.32
CA SER B 97 34.10 54.57 -9.84
C SER B 97 34.02 54.43 -8.31
N GLN B 98 35.13 54.18 -7.65
CA GLN B 98 35.10 54.02 -6.21
C GLN B 98 34.36 55.15 -5.52
N LEU B 99 34.79 56.40 -5.77
CA LEU B 99 34.13 57.55 -5.17
C LEU B 99 32.85 57.99 -5.87
N ASN B 100 32.89 58.03 -7.20
CA ASN B 100 31.78 58.53 -7.99
C ASN B 100 30.62 57.63 -8.36
N VAL B 101 30.74 56.32 -8.16
CA VAL B 101 29.67 55.39 -8.53
C VAL B 101 29.30 54.39 -7.44
N ASN B 102 30.29 53.89 -6.69
CA ASN B 102 29.99 52.94 -5.61
C ASN B 102 29.02 53.59 -4.66
N PHE B 103 28.14 52.80 -4.05
CA PHE B 103 27.23 53.32 -3.07
C PHE B 103 27.73 52.83 -1.71
N VAL B 104 27.43 53.59 -0.66
CA VAL B 104 27.85 53.22 0.69
C VAL B 104 26.67 53.25 1.62
N GLY B 105 26.83 52.61 2.76
CA GLY B 105 25.77 52.57 3.74
C GLY B 105 26.32 52.25 5.12
N PRO B 106 25.91 53.00 6.15
CA PRO B 106 26.37 52.77 7.52
C PRO B 106 25.60 51.57 8.10
N CYS B 107 26.25 50.76 8.91
CA CYS B 107 25.55 49.65 9.55
C CYS B 107 24.86 50.34 10.74
N PRO B 108 23.52 50.23 10.83
CA PRO B 108 22.69 50.84 11.87
C PRO B 108 22.75 50.24 13.27
N HIS B 109 23.90 49.73 13.68
CA HIS B 109 24.02 49.10 14.98
C HIS B 109 24.30 50.07 16.13
N PHE B 110 24.74 51.29 15.80
CA PHE B 110 25.03 52.29 16.82
C PHE B 110 23.72 52.92 17.28
N GLU B 111 22.62 52.46 16.72
CA GLU B 111 21.31 52.96 17.06
C GLU B 111 20.81 52.21 18.30
N HIS B 112 21.42 51.07 18.58
CA HIS B 112 21.04 50.28 19.74
C HIS B 112 22.21 49.72 20.55
N TYR B 113 22.45 48.43 20.45
CA TYR B 113 23.51 47.77 21.21
C TYR B 113 24.98 48.09 20.96
N TRP B 114 25.31 48.68 19.81
CA TRP B 114 26.70 48.99 19.50
C TRP B 114 26.98 50.47 19.24
N PRO B 115 26.88 51.32 20.26
CA PRO B 115 27.14 52.74 20.05
C PRO B 115 28.65 52.94 19.87
N ALA B 116 29.02 54.06 19.24
CA ALA B 116 30.42 54.35 19.03
C ALA B 116 31.18 54.22 20.35
N ARG B 117 32.24 53.43 20.34
CA ARG B 117 33.05 53.21 21.53
C ARG B 117 34.43 52.70 21.15
N GLU B 118 35.47 53.45 21.52
CA GLU B 118 36.84 53.07 21.22
C GLU B 118 37.18 51.74 21.90
N GLY B 119 38.04 50.96 21.24
CA GLY B 119 38.46 49.68 21.80
C GLY B 119 37.55 48.50 21.55
N THR B 120 36.52 48.68 20.73
CA THR B 120 35.57 47.60 20.44
C THR B 120 35.64 47.11 18.99
N GLN B 121 36.52 47.72 18.20
CA GLN B 121 36.64 47.35 16.79
C GLN B 121 36.81 45.86 16.51
N LEU B 122 37.77 45.24 17.17
CA LEU B 122 38.06 43.83 16.94
C LEU B 122 36.99 42.87 17.42
N GLU B 123 36.46 43.11 18.63
CA GLU B 123 35.43 42.24 19.16
C GLU B 123 34.16 42.31 18.34
N ARG B 124 33.67 43.52 18.09
CA ARG B 124 32.47 43.67 17.30
C ARG B 124 32.76 43.14 15.90
N GLY B 125 33.97 43.43 15.41
CA GLY B 125 34.35 42.94 14.10
C GLY B 125 34.19 41.45 13.97
N SER B 126 34.57 40.70 15.01
CA SER B 126 34.46 39.24 14.97
C SER B 126 33.02 38.78 14.82
N MSE B 127 32.08 39.51 15.43
CA MSE B 127 30.68 39.14 15.33
C MSE B 127 30.08 39.59 14.00
O MSE B 127 29.21 38.93 13.45
CB MSE B 127 29.89 39.75 16.49
CG MSE B 127 30.30 39.19 17.86
SE MSE B 127 29.26 39.91 19.33
CE MSE B 127 30.31 41.48 19.65
N MSE B 128 30.57 40.72 13.48
CA MSE B 128 30.10 41.22 12.19
C MSE B 128 30.43 40.21 11.09
O MSE B 128 29.62 39.94 10.24
CB MSE B 128 30.80 42.55 11.85
CG MSE B 128 30.22 43.76 12.55
SE MSE B 128 28.39 44.10 11.98
CE MSE B 128 28.75 44.75 10.22
N LEU B 129 31.65 39.66 11.14
CA LEU B 129 32.06 38.67 10.14
C LEU B 129 31.23 37.42 10.31
N TRP B 130 31.01 37.01 11.55
CA TRP B 130 30.23 35.82 11.83
C TRP B 130 28.79 35.93 11.30
N HIS B 131 28.15 37.07 11.53
CA HIS B 131 26.80 37.27 11.04
C HIS B 131 26.76 37.32 9.51
N ASN B 132 27.71 38.01 8.90
CA ASN B 132 27.78 38.10 7.45
C ASN B 132 28.00 36.73 6.82
N LEU B 133 28.87 35.92 7.44
CA LEU B 133 29.17 34.61 6.91
C LEU B 133 27.99 33.63 7.06
N ASN B 134 27.13 33.89 8.03
CA ASN B 134 25.95 33.04 8.21
C ASN B 134 24.99 33.38 7.08
N TYR B 135 25.00 34.64 6.65
CA TYR B 135 24.13 35.03 5.55
C TYR B 135 24.63 34.32 4.29
N TRP B 136 25.96 34.25 4.12
CA TRP B 136 26.54 33.57 2.97
C TRP B 136 26.11 32.09 2.98
N GLN B 137 26.19 31.44 4.14
CA GLN B 137 25.78 30.03 4.23
C GLN B 137 24.33 29.86 3.80
N LEU B 138 23.48 30.78 4.22
CA LEU B 138 22.07 30.72 3.86
C LEU B 138 21.89 30.78 2.36
N LEU B 139 22.63 31.68 1.73
CA LEU B 139 22.56 31.85 0.29
C LEU B 139 23.06 30.60 -0.43
N ARG B 140 24.19 30.09 0.01
CA ARG B 140 24.75 28.92 -0.64
C ARG B 140 23.83 27.71 -0.53
N ARG B 141 22.96 27.72 0.47
CA ARG B 141 22.02 26.62 0.67
C ARG B 141 20.67 26.97 0.07
N GLU B 142 20.57 28.19 -0.46
CA GLU B 142 19.35 28.67 -1.06
C GLU B 142 18.19 28.72 -0.08
N LYS B 143 18.50 29.06 1.17
CA LYS B 143 17.50 29.16 2.22
C LYS B 143 17.04 30.61 2.35
N LEU B 144 17.65 31.50 1.58
CA LEU B 144 17.25 32.91 1.64
C LEU B 144 15.89 32.99 0.96
N PRO B 145 14.86 33.43 1.70
CA PRO B 145 13.49 33.55 1.18
C PRO B 145 13.37 34.33 -0.12
N VAL B 146 12.52 33.84 -1.02
CA VAL B 146 12.30 34.50 -2.31
C VAL B 146 11.51 35.79 -2.10
N HIS B 147 12.01 36.90 -2.63
CA HIS B 147 11.32 38.18 -2.50
C HIS B 147 10.04 38.14 -3.33
N LYS B 148 8.96 38.69 -2.79
CA LYS B 148 7.68 38.70 -3.49
C LYS B 148 6.92 40.01 -3.35
N SER B 149 6.26 40.42 -4.43
CA SER B 149 5.44 41.62 -4.42
C SER B 149 4.04 41.03 -4.35
N GLY B 150 3.35 41.26 -3.25
CA GLY B 150 2.06 40.64 -3.10
C GLY B 150 2.49 39.19 -2.90
N ASN B 151 2.15 38.33 -3.84
CA ASN B 151 2.53 36.93 -3.75
C ASN B 151 3.27 36.58 -5.05
N THR B 152 3.70 37.61 -5.77
CA THR B 152 4.40 37.45 -7.03
C THR B 152 5.92 37.47 -6.85
N PRO B 153 6.60 36.40 -7.30
CA PRO B 153 8.06 36.29 -7.19
C PRO B 153 8.81 37.42 -7.93
N LEU B 154 9.91 37.87 -7.33
CA LEU B 154 10.73 38.92 -7.92
C LEU B 154 12.09 38.32 -8.25
N ASP B 155 12.80 38.96 -9.16
CA ASP B 155 14.13 38.48 -9.55
C ASP B 155 15.07 38.48 -8.35
N MSE B 156 15.88 37.43 -8.24
CA MSE B 156 16.84 37.26 -7.14
C MSE B 156 18.29 37.12 -7.64
O MSE B 156 19.20 36.85 -6.86
CB MSE B 156 16.52 36.02 -6.31
CG MSE B 156 15.12 35.99 -5.72
SE MSE B 156 14.92 37.35 -4.37
CE MSE B 156 16.08 36.57 -3.03
N ASN B 157 18.48 37.27 -8.95
CA ASN B 157 19.80 37.13 -9.55
C ASN B 157 20.89 38.02 -8.92
N GLN B 158 20.53 39.23 -8.53
CA GLN B 158 21.49 40.15 -7.91
C GLN B 158 22.13 39.59 -6.63
N PHE B 159 21.45 38.68 -5.94
CA PHE B 159 22.04 38.14 -4.72
C PHE B 159 23.27 37.28 -5.01
N ARG B 160 23.44 36.87 -6.26
CA ARG B 160 24.60 36.07 -6.65
C ARG B 160 25.84 36.97 -6.67
N MSE B 161 25.61 38.27 -6.76
CA MSE B 161 26.70 39.24 -6.84
C MSE B 161 27.22 39.76 -5.51
O MSE B 161 28.17 40.55 -5.48
CB MSE B 161 26.26 40.44 -7.69
CG MSE B 161 25.63 40.06 -9.02
SE MSE B 161 26.77 38.95 -10.13
CE MSE B 161 25.40 37.94 -10.99
N LEU B 162 26.61 39.33 -4.41
CA LEU B 162 27.03 39.79 -3.09
C LEU B 162 28.37 39.22 -2.67
N PHE B 163 28.51 37.90 -2.76
CA PHE B 163 29.74 37.25 -2.35
C PHE B 163 30.62 36.82 -3.51
N SER B 164 31.92 36.79 -3.26
CA SER B 164 32.92 36.37 -4.23
C SER B 164 32.72 36.99 -5.62
N THR B 165 32.47 38.29 -5.65
CA THR B 165 32.25 39.02 -6.90
C THR B 165 33.14 40.27 -6.86
N CYS B 166 33.84 40.51 -7.96
CA CYS B 166 34.75 41.65 -8.04
C CYS B 166 34.88 42.17 -9.46
N LYS B 167 35.04 43.48 -9.60
CA LYS B 167 35.21 44.08 -10.90
C LYS B 167 36.70 44.03 -11.24
N VAL B 168 37.00 44.01 -12.53
CA VAL B 168 38.38 44.01 -13.00
C VAL B 168 38.47 45.15 -14.01
N PRO B 169 39.43 46.04 -13.83
CA PRO B 169 39.58 47.16 -14.75
C PRO B 169 40.04 46.77 -16.15
N GLY B 170 39.53 47.48 -17.15
CA GLY B 170 39.91 47.24 -18.53
C GLY B 170 40.34 48.57 -19.13
N ILE B 171 41.05 48.53 -20.24
CA ILE B 171 41.51 49.74 -20.93
C ILE B 171 40.33 50.59 -21.41
N THR B 172 39.29 49.95 -21.94
CA THR B 172 38.12 50.70 -22.39
C THR B 172 36.82 50.23 -21.74
N ARG B 173 36.77 48.95 -21.36
CA ARG B 173 35.59 48.38 -20.69
C ARG B 173 36.04 47.44 -19.57
N ASP B 174 35.50 47.63 -18.37
CA ASP B 174 35.83 46.80 -17.22
C ASP B 174 35.00 45.52 -17.34
N SER B 175 35.20 44.56 -16.45
CA SER B 175 34.41 43.36 -16.47
C SER B 175 34.13 42.91 -15.04
N ILE B 176 33.10 42.11 -14.89
CA ILE B 176 32.70 41.59 -13.60
C ILE B 176 33.02 40.12 -13.50
N MSE B 177 33.69 39.71 -12.44
CA MSE B 177 34.02 38.31 -12.20
C MSE B 177 33.11 37.85 -11.06
O MSE B 177 33.19 38.40 -9.96
CB MSE B 177 35.47 38.14 -11.77
CG MSE B 177 36.49 38.73 -12.72
SE MSE B 177 36.31 38.07 -14.52
CE MSE B 177 36.62 36.19 -14.21
N ASN B 178 32.24 36.88 -11.32
CA ASN B 178 31.32 36.35 -10.31
C ASN B 178 31.69 34.88 -10.10
N TYR B 179 32.29 34.60 -8.96
CA TYR B 179 32.74 33.25 -8.63
C TYR B 179 31.79 32.52 -7.67
N PHE B 180 30.76 33.22 -7.21
CA PHE B 180 29.82 32.59 -6.29
C PHE B 180 29.03 31.45 -6.93
N LYS B 181 28.71 30.44 -6.13
CA LYS B 181 27.93 29.29 -6.57
C LYS B 181 27.14 28.77 -5.38
N THR B 182 25.93 28.28 -5.62
CA THR B 182 25.11 27.69 -4.57
C THR B 182 25.68 26.28 -4.41
N GLU B 183 25.29 25.58 -3.34
CA GLU B 183 25.78 24.22 -3.14
C GLU B 183 25.41 23.33 -4.34
N SER B 184 24.27 23.61 -4.94
CA SER B 184 23.80 22.82 -6.08
C SER B 184 24.57 23.07 -7.36
N GLU B 185 25.31 24.17 -7.43
CA GLU B 185 26.07 24.47 -8.63
C GLU B 185 27.53 24.08 -8.51
N GLY B 186 28.00 23.89 -7.27
CA GLY B 186 29.38 23.49 -7.08
C GLY B 186 30.11 24.24 -5.99
N HIS B 187 31.43 24.28 -6.13
CA HIS B 187 32.30 24.94 -5.15
C HIS B 187 32.27 26.46 -5.18
N CYS B 188 32.37 27.06 -4.00
CA CYS B 188 32.40 28.50 -3.85
C CYS B 188 33.66 28.82 -3.05
N PRO B 189 34.36 29.92 -3.36
CA PRO B 189 35.54 30.22 -2.56
C PRO B 189 35.07 30.28 -1.12
N THR B 190 35.95 30.02 -0.16
CA THR B 190 35.53 30.06 1.24
C THR B 190 36.42 30.94 2.13
N HIS B 191 37.16 31.85 1.52
CA HIS B 191 38.03 32.73 2.29
C HIS B 191 37.57 34.20 2.17
N ILE B 192 37.99 35.03 3.12
CA ILE B 192 37.68 36.44 3.03
C ILE B 192 39.02 37.15 2.98
N ALA B 193 39.02 38.38 2.50
CA ALA B 193 40.25 39.14 2.42
C ALA B 193 40.10 40.30 3.41
N VAL B 194 41.16 40.55 4.16
CA VAL B 194 41.17 41.63 5.14
C VAL B 194 42.26 42.61 4.75
N LEU B 195 41.91 43.89 4.72
CA LEU B 195 42.88 44.94 4.38
C LEU B 195 43.20 45.71 5.64
N CYS B 196 44.49 45.90 5.90
CA CYS B 196 44.93 46.60 7.10
C CYS B 196 46.25 47.33 6.83
N ARG B 197 46.29 48.60 7.18
CA ARG B 197 47.47 49.44 6.97
C ARG B 197 48.26 49.18 5.70
N GLY B 198 47.59 49.32 4.56
CA GLY B 198 48.24 49.12 3.28
C GLY B 198 48.67 47.70 2.96
N ARG B 199 48.17 46.75 3.74
CA ARG B 199 48.51 45.35 3.55
C ARG B 199 47.23 44.53 3.38
N ALA B 200 47.37 43.32 2.87
CA ALA B 200 46.22 42.45 2.63
C ALA B 200 46.47 41.03 3.12
N PHE B 201 45.44 40.44 3.72
CA PHE B 201 45.52 39.07 4.25
C PHE B 201 44.29 38.28 3.86
N VAL B 202 44.40 36.95 3.96
CA VAL B 202 43.27 36.08 3.67
C VAL B 202 43.31 34.92 4.64
N PHE B 203 42.14 34.34 4.91
CA PHE B 203 42.02 33.15 5.75
C PHE B 203 40.69 32.49 5.45
N ASP B 204 40.65 31.16 5.61
CA ASP B 204 39.44 30.41 5.33
C ASP B 204 38.44 30.59 6.46
N VAL B 205 37.16 30.67 6.12
CA VAL B 205 36.14 30.85 7.15
C VAL B 205 35.59 29.50 7.61
N LEU B 206 36.12 28.41 7.09
CA LEU B 206 35.64 27.08 7.49
C LEU B 206 36.71 26.25 8.17
N HIS B 207 36.31 25.54 9.23
CA HIS B 207 37.22 24.66 9.94
C HIS B 207 36.55 23.29 10.01
N GLU B 208 37.17 22.30 9.38
CA GLU B 208 36.61 20.96 9.37
C GLU B 208 35.16 20.98 8.90
N GLY B 209 34.90 21.76 7.86
CA GLY B 209 33.56 21.84 7.30
C GLY B 209 32.54 22.82 7.85
N CYS B 210 32.77 23.35 9.05
CA CYS B 210 31.82 24.29 9.63
C CYS B 210 32.38 25.70 9.79
N LEU B 211 31.49 26.67 9.90
CA LEU B 211 31.87 28.08 10.03
C LEU B 211 32.64 28.37 11.32
N ILE B 212 33.77 29.07 11.21
CA ILE B 212 34.54 29.39 12.42
C ILE B 212 33.74 30.44 13.19
N THR B 213 33.86 30.41 14.52
CA THR B 213 33.11 31.30 15.40
C THR B 213 33.75 32.65 15.73
N PRO B 214 32.97 33.55 16.34
CA PRO B 214 33.48 34.88 16.70
C PRO B 214 34.81 34.82 17.47
N PRO B 215 34.94 33.92 18.46
CA PRO B 215 36.21 33.85 19.19
C PRO B 215 37.35 33.56 18.22
N GLU B 216 37.10 32.66 17.27
CA GLU B 216 38.10 32.28 16.26
C GLU B 216 38.34 33.41 15.27
N LEU B 217 37.29 34.13 14.91
CA LEU B 217 37.42 35.25 13.97
C LEU B 217 38.20 36.35 14.69
N LEU B 218 37.92 36.51 15.98
CA LEU B 218 38.59 37.52 16.79
C LEU B 218 40.08 37.25 16.85
N ARG B 219 40.46 35.98 16.93
CA ARG B 219 41.89 35.67 16.96
C ARG B 219 42.51 36.06 15.61
N GLN B 220 41.81 35.78 14.52
CA GLN B 220 42.34 36.12 13.19
C GLN B 220 42.53 37.63 13.02
N LEU B 221 41.54 38.41 13.42
CA LEU B 221 41.63 39.86 13.28
C LEU B 221 42.69 40.45 14.21
N THR B 222 42.79 39.90 15.41
CA THR B 222 43.76 40.38 16.38
C THR B 222 45.15 40.12 15.85
N TYR B 223 45.38 38.90 15.36
CA TYR B 223 46.67 38.57 14.80
C TYR B 223 47.04 39.60 13.74
N ILE B 224 46.10 39.85 12.82
CA ILE B 224 46.31 40.82 11.75
C ILE B 224 46.55 42.23 12.27
N HIS B 225 45.67 42.69 13.16
CA HIS B 225 45.81 44.03 13.70
C HIS B 225 47.16 44.20 14.40
N LYS B 226 47.50 43.24 15.27
CA LYS B 226 48.77 43.27 15.99
C LYS B 226 49.95 43.33 15.05
N LYS B 227 49.97 42.45 14.06
CA LYS B 227 51.07 42.40 13.10
C LYS B 227 51.29 43.72 12.35
N CYS B 228 50.21 44.38 11.96
CA CYS B 228 50.32 45.64 11.22
C CYS B 228 50.56 46.89 12.07
N SER B 229 49.99 46.90 13.27
CA SER B 229 50.09 48.06 14.17
C SER B 229 51.52 48.49 14.49
N ASN B 230 52.40 47.52 14.67
CA ASN B 230 53.79 47.83 15.00
C ASN B 230 54.73 47.85 13.81
N GLU B 231 54.21 48.16 12.63
CA GLU B 231 55.03 48.20 11.43
C GLU B 231 54.59 49.28 10.46
N PRO B 232 55.46 49.69 9.54
CA PRO B 232 55.11 50.73 8.57
C PRO B 232 54.04 50.33 7.59
N VAL B 233 53.30 51.32 7.11
CA VAL B 233 52.24 51.09 6.15
C VAL B 233 52.76 50.34 4.93
N GLY B 234 52.10 49.24 4.57
CA GLY B 234 52.52 48.46 3.42
C GLY B 234 52.43 49.23 2.11
N PRO B 235 52.73 48.60 0.96
CA PRO B 235 52.68 49.22 -0.37
C PRO B 235 51.33 49.74 -0.86
N SER B 236 50.27 49.40 -0.14
CA SER B 236 48.93 49.87 -0.46
C SER B 236 48.43 49.70 -1.89
N ILE B 237 48.61 48.50 -2.45
CA ILE B 237 48.15 48.24 -3.80
C ILE B 237 46.65 48.57 -3.92
N ALA B 238 45.91 48.32 -2.85
CA ALA B 238 44.46 48.59 -2.81
C ALA B 238 44.07 49.99 -3.29
N ALA B 239 44.87 50.99 -2.91
CA ALA B 239 44.57 52.37 -3.30
C ALA B 239 44.44 52.54 -4.81
N LEU B 240 45.05 51.65 -5.58
CA LEU B 240 44.97 51.75 -7.03
C LEU B 240 43.54 51.53 -7.53
N THR B 241 42.72 50.83 -6.76
CA THR B 241 41.34 50.58 -7.18
C THR B 241 40.48 51.84 -7.15
N SER B 242 41.03 52.93 -6.60
CA SER B 242 40.29 54.18 -6.50
C SER B 242 40.54 55.11 -7.68
N GLU B 243 41.38 54.66 -8.60
CA GLU B 243 41.76 55.47 -9.75
C GLU B 243 40.82 55.51 -10.94
N GLU B 244 41.13 56.40 -11.88
CA GLU B 244 40.39 56.53 -13.12
C GLU B 244 40.56 55.11 -13.69
N ARG B 245 39.51 54.57 -14.28
CA ARG B 245 39.54 53.19 -14.77
C ARG B 245 40.66 52.75 -15.68
N THR B 246 40.98 53.55 -16.71
CA THR B 246 42.05 53.18 -17.62
C THR B 246 43.41 53.21 -16.91
N ARG B 247 43.58 54.15 -16.00
CA ARG B 247 44.84 54.24 -15.26
C ARG B 247 45.04 53.00 -14.38
N TRP B 248 43.98 52.58 -13.70
CA TRP B 248 44.03 51.39 -12.84
C TRP B 248 44.30 50.18 -13.74
N ALA B 249 43.65 50.12 -14.88
CA ALA B 249 43.86 49.01 -15.80
C ALA B 249 45.34 48.93 -16.19
N LYS B 250 45.95 50.08 -16.46
CA LYS B 250 47.36 50.09 -16.85
C LYS B 250 48.29 49.76 -15.68
N ALA B 251 47.97 50.28 -14.50
CA ALA B 251 48.80 50.01 -13.33
C ALA B 251 48.69 48.52 -12.97
N ARG B 252 47.48 47.96 -13.05
CA ARG B 252 47.28 46.55 -12.75
C ARG B 252 48.11 45.68 -13.69
N GLU B 253 48.03 45.98 -14.98
CA GLU B 253 48.79 45.24 -15.99
C GLU B 253 50.29 45.33 -15.69
N TYR B 254 50.74 46.52 -15.29
CA TYR B 254 52.15 46.72 -15.00
C TYR B 254 52.55 45.95 -13.74
N LEU B 255 51.70 46.00 -12.72
CA LEU B 255 51.95 45.29 -11.46
C LEU B 255 52.14 43.80 -11.71
N ILE B 256 51.37 43.27 -12.64
CA ILE B 256 51.43 41.85 -12.99
C ILE B 256 52.70 41.51 -13.77
N SER B 257 53.20 42.45 -14.56
CA SER B 257 54.42 42.22 -15.35
C SER B 257 55.64 42.13 -14.44
N LEU B 258 55.53 42.64 -13.22
CA LEU B 258 56.65 42.60 -12.28
C LEU B 258 56.83 41.22 -11.68
N ASP B 259 55.73 40.48 -11.59
CA ASP B 259 55.75 39.15 -11.01
C ASP B 259 54.40 38.50 -11.27
N PRO B 260 54.37 37.43 -12.07
CA PRO B 260 53.11 36.74 -12.37
C PRO B 260 52.27 36.38 -11.15
N GLU B 261 52.91 36.10 -10.03
CA GLU B 261 52.18 35.76 -8.81
C GLU B 261 51.34 36.94 -8.29
N ASN B 262 51.65 38.15 -8.73
CA ASN B 262 50.85 39.30 -8.30
C ASN B 262 49.42 39.08 -8.82
N LEU B 263 49.29 38.47 -10.00
CA LEU B 263 47.97 38.18 -10.56
C LEU B 263 47.26 37.18 -9.65
N THR B 264 48.00 36.15 -9.20
CA THR B 264 47.42 35.15 -8.31
C THR B 264 46.91 35.87 -7.04
N LEU B 265 47.69 36.83 -6.55
CA LEU B 265 47.32 37.58 -5.35
C LEU B 265 46.06 38.39 -5.62
N LEU B 266 46.02 39.09 -6.75
CA LEU B 266 44.83 39.87 -7.10
C LEU B 266 43.61 38.95 -7.15
N GLU B 267 43.74 37.78 -7.76
CA GLU B 267 42.62 36.85 -7.85
C GLU B 267 42.13 36.35 -6.50
N LYS B 268 43.03 36.22 -5.52
CA LYS B 268 42.64 35.80 -4.18
C LYS B 268 41.68 36.86 -3.59
N ILE B 269 41.98 38.13 -3.84
CA ILE B 269 41.14 39.22 -3.36
C ILE B 269 39.83 39.21 -4.14
N GLN B 270 39.93 39.03 -5.45
CA GLN B 270 38.76 38.99 -6.32
C GLN B 270 37.77 37.86 -5.99
N THR B 271 38.30 36.70 -5.60
CA THR B 271 37.44 35.55 -5.30
C THR B 271 36.94 35.49 -3.85
N SER B 272 37.52 36.32 -2.98
CA SER B 272 37.13 36.32 -1.56
C SER B 272 35.64 36.54 -1.39
N LEU B 273 35.04 35.90 -0.39
CA LEU B 273 33.60 36.07 -0.14
C LEU B 273 33.28 37.57 -0.13
N PHE B 274 34.14 38.34 0.52
CA PHE B 274 34.03 39.80 0.55
C PHE B 274 35.31 40.35 1.15
N VAL B 275 35.54 41.65 0.98
CA VAL B 275 36.74 42.28 1.53
C VAL B 275 36.36 43.02 2.80
N TYR B 276 37.12 42.80 3.86
CA TYR B 276 36.91 43.41 5.17
C TYR B 276 38.02 44.43 5.42
N SER B 277 37.66 45.70 5.61
CA SER B 277 38.64 46.77 5.82
C SER B 277 38.74 47.25 7.26
N ILE B 278 39.96 47.25 7.78
CA ILE B 278 40.22 47.73 9.12
C ILE B 278 40.74 49.15 9.02
N GLU B 279 39.93 50.11 9.42
CA GLU B 279 40.31 51.53 9.38
C GLU B 279 40.67 52.00 10.79
N ASP B 280 41.59 52.96 10.87
CA ASP B 280 42.00 53.47 12.16
C ASP B 280 41.31 54.78 12.54
N SER B 281 40.46 55.28 11.65
CA SER B 281 39.73 56.53 11.89
C SER B 281 38.47 56.27 12.71
N SER B 282 37.84 57.34 13.19
CA SER B 282 36.64 57.22 14.00
C SER B 282 35.57 58.25 13.65
N PRO B 283 34.69 57.96 12.70
CA PRO B 283 33.65 58.93 12.35
C PRO B 283 32.66 59.15 13.48
N HIS B 284 32.25 60.39 13.68
CA HIS B 284 31.28 60.72 14.71
C HIS B 284 29.97 60.05 14.33
N ALA B 285 29.49 59.17 15.19
CA ALA B 285 28.24 58.45 14.92
C ALA B 285 27.34 58.32 16.15
N THR B 286 26.21 59.01 16.10
CA THR B 286 25.22 58.95 17.16
C THR B 286 23.89 58.91 16.42
N PRO B 287 22.81 58.48 17.08
CA PRO B 287 21.52 58.43 16.40
C PRO B 287 21.15 59.79 15.81
N GLU B 288 21.60 60.86 16.45
CA GLU B 288 21.30 62.22 16.00
C GLU B 288 22.23 62.72 14.89
N GLU B 289 23.51 62.41 15.02
CA GLU B 289 24.49 62.82 14.02
C GLU B 289 25.36 61.65 13.58
N TYR B 290 25.43 61.44 12.26
CA TYR B 290 26.20 60.35 11.70
C TYR B 290 26.53 60.59 10.23
N SER B 291 26.46 61.84 9.81
CA SER B 291 26.76 62.18 8.43
C SER B 291 28.23 61.91 8.13
N GLN B 292 29.05 61.96 9.15
CA GLN B 292 30.47 61.73 9.00
C GLN B 292 30.76 60.27 8.63
N VAL B 293 29.86 59.36 9.03
CA VAL B 293 30.05 57.96 8.68
C VAL B 293 29.96 57.82 7.16
N PHE B 294 28.98 58.50 6.56
CA PHE B 294 28.81 58.46 5.10
C PHE B 294 30.05 59.01 4.42
N GLU B 295 30.53 60.14 4.95
CA GLU B 295 31.70 60.82 4.42
C GLU B 295 32.98 60.00 4.47
N MSE B 296 33.21 59.31 5.57
CA MSE B 296 34.42 58.52 5.67
C MSE B 296 34.28 57.22 4.90
O MSE B 296 35.26 56.59 4.54
CB MSE B 296 34.76 58.25 7.13
CG MSE B 296 35.00 59.52 7.90
SE MSE B 296 36.03 59.20 9.49
CE MSE B 296 37.77 59.61 8.77
N LEU B 297 33.03 56.83 4.62
CA LEU B 297 32.76 55.62 3.85
C LEU B 297 33.09 55.92 2.38
N LEU B 298 32.58 57.04 1.86
CA LEU B 298 32.88 57.40 0.47
C LEU B 298 34.31 57.89 0.32
N GLY B 299 34.87 58.44 1.40
CA GLY B 299 36.24 58.90 1.37
C GLY B 299 37.12 57.80 1.93
N GLY B 300 37.45 57.90 3.22
CA GLY B 300 38.27 56.90 3.88
C GLY B 300 39.71 56.83 3.42
N ASP B 301 40.42 55.81 3.91
CA ASP B 301 41.81 55.61 3.55
C ASP B 301 41.80 54.55 2.46
N PRO B 302 42.03 54.96 1.20
CA PRO B 302 42.02 54.00 0.09
C PRO B 302 43.07 52.89 0.18
N SER B 303 44.07 53.08 1.03
CA SER B 303 45.12 52.08 1.19
C SER B 303 44.55 50.81 1.82
N VAL B 304 43.31 50.90 2.31
CA VAL B 304 42.65 49.75 2.91
C VAL B 304 41.25 49.49 2.33
N ARG B 305 40.99 50.00 1.12
CA ARG B 305 39.71 49.78 0.46
C ARG B 305 39.93 49.08 -0.88
N TRP B 306 39.02 48.18 -1.26
CA TRP B 306 39.11 47.53 -2.55
C TRP B 306 37.82 47.92 -3.28
N GLY B 307 37.87 49.12 -3.87
CA GLY B 307 36.72 49.69 -4.56
C GLY B 307 36.03 48.84 -5.60
N ASP B 308 36.77 47.90 -6.19
CA ASP B 308 36.24 47.02 -7.22
C ASP B 308 35.35 45.91 -6.67
N LYS B 309 35.50 45.61 -5.38
CA LYS B 309 34.72 44.55 -4.74
C LYS B 309 33.26 44.93 -4.71
N SER B 310 32.38 43.96 -4.93
CA SER B 310 30.95 44.25 -4.92
C SER B 310 30.52 44.58 -3.50
N TYR B 311 31.21 43.97 -2.53
CA TYR B 311 30.92 44.17 -1.11
C TYR B 311 32.20 44.31 -0.30
N ASN B 312 32.44 45.52 0.19
CA ASN B 312 33.60 45.82 1.01
C ASN B 312 33.04 46.26 2.36
N LEU B 313 33.17 45.40 3.38
CA LEU B 313 32.68 45.71 4.73
C LEU B 313 33.77 46.54 5.38
N ILE B 314 33.42 47.71 5.94
CA ILE B 314 34.38 48.61 6.55
C ILE B 314 34.25 48.70 8.08
N SER B 315 35.37 48.53 8.78
CA SER B 315 35.40 48.58 10.24
C SER B 315 36.20 49.78 10.74
N PHE B 316 35.54 50.66 11.49
CA PHE B 316 36.23 51.83 12.03
C PHE B 316 36.74 51.56 13.44
N ALA B 317 37.70 52.36 13.88
CA ALA B 317 38.31 52.22 15.19
C ALA B 317 37.35 52.38 16.37
N ASN B 318 36.27 53.14 16.18
CA ASN B 318 35.32 53.33 17.27
C ASN B 318 34.16 52.32 17.30
N GLY B 319 34.36 51.16 16.69
CA GLY B 319 33.30 50.16 16.69
C GLY B 319 32.13 50.44 15.76
N ILE B 320 32.30 51.35 14.82
CA ILE B 320 31.26 51.67 13.86
C ILE B 320 31.58 50.92 12.56
N PHE B 321 30.53 50.50 11.86
CA PHE B 321 30.70 49.75 10.61
C PHE B 321 29.88 50.34 9.47
N GLY B 322 30.26 49.98 8.25
CA GLY B 322 29.56 50.46 7.07
C GLY B 322 30.03 49.63 5.89
N CYS B 323 29.45 49.89 4.72
N CYS B 323 29.46 49.89 4.71
CA CYS B 323 29.78 49.15 3.51
CA CYS B 323 29.85 49.16 3.52
C CYS B 323 29.99 50.07 2.31
C CYS B 323 30.04 50.09 2.33
N CYS B 324 30.83 49.64 1.38
CA CYS B 324 31.08 50.38 0.15
C CYS B 324 30.96 49.29 -0.92
N CYS B 325 30.05 49.49 -1.86
CA CYS B 325 29.79 48.51 -2.89
C CYS B 325 29.91 49.00 -4.30
N ASP B 326 30.50 48.17 -5.16
CA ASP B 326 30.62 48.47 -6.58
C ASP B 326 29.17 48.43 -7.04
N HIS B 327 28.74 49.47 -7.74
CA HIS B 327 27.37 49.56 -8.21
C HIS B 327 27.15 48.81 -9.52
N ALA B 328 28.23 48.45 -10.18
CA ALA B 328 28.11 47.79 -11.49
C ALA B 328 27.31 46.49 -11.57
N PRO B 329 27.60 45.50 -10.69
CA PRO B 329 26.91 44.21 -10.69
C PRO B 329 25.53 44.06 -10.06
N TYR B 330 25.15 45.02 -9.22
CA TYR B 330 23.84 44.95 -8.59
C TYR B 330 23.44 46.27 -7.97
N ASP B 331 22.17 46.35 -7.59
CA ASP B 331 21.64 47.56 -7.00
C ASP B 331 21.63 47.46 -5.47
N ALA B 332 21.36 48.58 -4.81
CA ALA B 332 21.37 48.68 -3.36
C ALA B 332 20.55 47.69 -2.55
N MSE B 333 19.41 47.24 -3.05
CA MSE B 333 18.60 46.35 -2.24
C MSE B 333 19.24 45.07 -1.73
O MSE B 333 18.86 44.58 -0.67
CB MSE B 333 17.26 46.03 -2.92
CG MSE B 333 16.29 47.23 -2.87
SE MSE B 333 16.28 48.21 -1.14
CE MSE B 333 15.11 47.02 -0.14
N VAL B 334 20.21 44.52 -2.44
CA VAL B 334 20.85 43.30 -1.94
C VAL B 334 21.62 43.64 -0.65
N MSE B 335 22.41 44.70 -0.71
N MSE B 335 22.39 44.71 -0.72
CA MSE B 335 23.19 45.13 0.45
CA MSE B 335 23.18 45.20 0.40
C MSE B 335 22.27 45.52 1.60
C MSE B 335 22.28 45.54 1.58
O MSE B 335 22.57 45.24 2.77
O MSE B 335 22.60 45.25 2.74
CB MSE B 335 24.09 46.29 0.06
CB MSE B 335 23.97 46.45 -0.01
CG MSE B 335 25.03 46.72 1.15
CG MSE B 335 24.94 46.97 1.04
SE MSE B 335 24.47 48.34 2.02
SE MSE B 335 26.25 45.68 1.61
CE MSE B 335 25.75 49.52 1.19
CE MSE B 335 26.48 44.69 -0.05
N VAL B 336 21.14 46.16 1.29
CA VAL B 336 20.20 46.55 2.31
C VAL B 336 19.66 45.31 3.02
N ASN B 337 19.40 44.25 2.26
CA ASN B 337 18.89 43.03 2.85
C ASN B 337 19.90 42.34 3.77
N ILE B 338 21.16 42.25 3.37
CA ILE B 338 22.12 41.60 4.27
C ILE B 338 22.41 42.49 5.48
N ALA B 339 22.45 43.80 5.27
CA ALA B 339 22.70 44.72 6.38
C ALA B 339 21.54 44.60 7.38
N HIS B 340 20.32 44.48 6.87
CA HIS B 340 19.18 44.33 7.76
C HIS B 340 19.25 42.99 8.49
N TYR B 341 19.66 41.94 7.78
CA TYR B 341 19.77 40.62 8.40
C TYR B 341 20.76 40.68 9.55
N VAL B 342 21.93 41.26 9.28
CA VAL B 342 22.99 41.39 10.27
C VAL B 342 22.49 42.26 11.43
N ASP B 343 21.73 43.30 11.11
CA ASP B 343 21.19 44.18 12.13
C ASP B 343 20.24 43.39 13.03
N GLU B 344 19.44 42.50 12.43
CA GLU B 344 18.51 41.70 13.22
C GLU B 344 19.24 40.68 14.09
N ARG B 345 20.40 40.24 13.62
CA ARG B 345 21.22 39.28 14.36
C ARG B 345 21.83 39.96 15.59
N VAL B 346 22.23 41.21 15.44
CA VAL B 346 22.81 41.96 16.53
C VAL B 346 21.72 42.24 17.57
N LEU B 347 20.54 42.62 17.10
CA LEU B 347 19.41 42.88 18.01
C LEU B 347 19.01 41.62 18.77
N GLU B 348 18.95 40.51 18.04
CA GLU B 348 18.56 39.23 18.61
C GLU B 348 19.54 38.72 19.66
N THR B 349 20.83 38.96 19.45
CA THR B 349 21.84 38.49 20.37
C THR B 349 22.29 39.57 21.36
N GLU B 350 21.68 40.74 21.28
CA GLU B 350 22.04 41.86 22.14
C GLU B 350 23.49 42.28 21.88
N GLY B 351 23.94 42.12 20.65
CA GLY B 351 25.28 42.50 20.28
C GLY B 351 26.36 41.67 20.95
N ARG B 352 26.01 40.47 21.38
CA ARG B 352 26.98 39.61 22.04
C ARG B 352 27.03 38.19 21.52
N TRP B 353 28.15 37.52 21.82
CA TRP B 353 28.35 36.14 21.43
C TRP B 353 28.04 35.30 22.67
N LYS B 354 27.09 34.39 22.54
CA LYS B 354 26.70 33.56 23.67
C LYS B 354 27.08 32.08 23.54
N GLY B 355 27.85 31.74 22.51
CA GLY B 355 28.26 30.37 22.31
C GLY B 355 29.58 30.05 22.99
N SER B 356 30.18 28.93 22.61
CA SER B 356 31.46 28.52 23.19
C SER B 356 32.55 29.56 23.00
N GLU B 357 33.42 29.68 23.99
CA GLU B 357 34.51 30.64 23.97
C GLU B 357 35.77 29.93 23.47
N LYS B 358 35.61 28.67 23.11
CA LYS B 358 36.72 27.86 22.62
C LYS B 358 37.24 28.36 21.28
N VAL B 359 38.56 28.37 21.15
CA VAL B 359 39.21 28.78 19.91
C VAL B 359 39.99 27.59 19.37
N ARG B 360 39.41 26.92 18.37
CA ARG B 360 40.07 25.76 17.77
C ARG B 360 41.35 26.17 17.07
N ASP B 361 42.24 25.21 16.90
CA ASP B 361 43.51 25.48 16.24
C ASP B 361 43.33 25.66 14.74
N ILE B 362 43.08 26.89 14.32
CA ILE B 362 42.88 27.17 12.91
C ILE B 362 44.13 27.85 12.34
N PRO B 363 44.38 27.68 11.05
CA PRO B 363 45.56 28.28 10.40
C PRO B 363 45.59 29.79 10.62
N LEU B 364 46.80 30.35 10.68
CA LEU B 364 46.95 31.79 10.84
C LEU B 364 46.71 32.47 9.49
N PRO B 365 46.13 33.67 9.52
CA PRO B 365 45.87 34.38 8.26
C PRO B 365 47.16 34.49 7.45
N GLU B 366 47.03 34.46 6.14
CA GLU B 366 48.18 34.55 5.25
C GLU B 366 48.25 35.94 4.64
N GLU B 367 49.42 36.54 4.66
CA GLU B 367 49.57 37.86 4.07
C GLU B 367 49.87 37.76 2.58
N LEU B 368 49.19 38.58 1.79
CA LEU B 368 49.39 38.60 0.34
C LEU B 368 50.49 39.63 0.14
N VAL B 369 51.70 39.15 -0.13
CA VAL B 369 52.84 40.05 -0.28
C VAL B 369 53.11 40.37 -1.73
N PHE B 370 52.62 41.53 -2.18
CA PHE B 370 52.81 41.94 -3.56
C PHE B 370 54.27 42.31 -3.83
N THR B 371 54.70 42.04 -5.06
CA THR B 371 56.03 42.38 -5.51
C THR B 371 55.83 43.74 -6.19
N VAL B 372 56.52 44.77 -5.71
CA VAL B 372 56.35 46.09 -6.28
C VAL B 372 57.71 46.75 -6.51
N ASP B 373 57.70 47.87 -7.22
CA ASP B 373 58.92 48.62 -7.49
C ASP B 373 58.59 50.11 -7.34
N GLU B 374 59.56 50.97 -7.64
CA GLU B 374 59.36 52.42 -7.51
C GLU B 374 58.21 52.93 -8.38
N LYS B 375 58.12 52.45 -9.60
CA LYS B 375 57.05 52.88 -10.51
C LYS B 375 55.67 52.67 -9.86
N ILE B 376 55.38 51.44 -9.44
CA ILE B 376 54.10 51.13 -8.81
C ILE B 376 53.83 51.95 -7.57
N LEU B 377 54.84 52.09 -6.71
CA LEU B 377 54.67 52.87 -5.50
C LEU B 377 54.30 54.32 -5.84
N ASN B 378 54.83 54.84 -6.95
CA ASN B 378 54.50 56.20 -7.36
C ASN B 378 53.06 56.20 -7.85
N ASP B 379 52.66 55.13 -8.54
CA ASP B 379 51.28 55.04 -9.02
C ASP B 379 50.34 55.03 -7.82
N VAL B 380 50.73 54.30 -6.77
CA VAL B 380 49.94 54.21 -5.55
C VAL B 380 49.78 55.56 -4.87
N SER B 381 50.87 56.31 -4.70
CA SER B 381 50.82 57.62 -4.06
C SER B 381 49.86 58.56 -4.79
N GLN B 382 49.94 58.55 -6.12
CA GLN B 382 49.10 59.38 -6.96
C GLN B 382 47.63 58.95 -6.86
N ALA B 383 47.40 57.64 -6.70
CA ALA B 383 46.06 57.09 -6.60
C ALA B 383 45.40 57.53 -5.30
N LYS B 384 46.16 57.40 -4.21
CA LYS B 384 45.65 57.78 -2.90
C LYS B 384 45.39 59.29 -2.86
N ALA B 385 46.32 60.05 -3.41
CA ALA B 385 46.20 61.51 -3.43
C ALA B 385 44.98 61.99 -4.21
N GLN B 386 44.76 61.44 -5.41
CA GLN B 386 43.62 61.90 -6.20
C GLN B 386 42.30 61.51 -5.55
N HIS B 387 42.27 60.36 -4.88
CA HIS B 387 41.05 59.94 -4.20
C HIS B 387 40.73 60.87 -3.04
N LEU B 388 41.73 61.15 -2.20
CA LEU B 388 41.53 62.02 -1.04
C LEU B 388 41.16 63.43 -1.47
N LYS B 389 41.78 63.92 -2.53
CA LYS B 389 41.47 65.27 -3.02
C LYS B 389 40.02 65.33 -3.50
N ALA B 390 39.66 64.40 -4.37
CA ALA B 390 38.30 64.34 -4.92
C ALA B 390 37.26 64.16 -3.83
N ALA B 391 37.56 63.30 -2.85
CA ALA B 391 36.62 63.02 -1.77
C ALA B 391 36.40 64.21 -0.84
N SER B 392 37.43 65.03 -0.66
CA SER B 392 37.32 66.18 0.22
C SER B 392 36.25 67.18 -0.24
N ASP B 393 35.96 67.17 -1.53
CA ASP B 393 34.95 68.09 -2.12
C ASP B 393 33.51 67.58 -1.90
N LEU B 394 33.38 66.46 -1.21
CA LEU B 394 32.06 65.87 -0.96
C LEU B 394 31.39 66.38 0.30
N GLN B 395 30.16 66.86 0.18
CA GLN B 395 29.39 67.35 1.32
C GLN B 395 28.24 66.35 1.55
N ILE B 396 28.08 65.89 2.78
CA ILE B 396 26.99 64.97 3.08
C ILE B 396 26.16 65.56 4.21
N ALA B 397 24.84 65.41 4.12
CA ALA B 397 23.93 65.88 5.15
C ALA B 397 22.93 64.77 5.37
N ALA B 398 22.91 64.23 6.58
CA ALA B 398 22.01 63.14 6.91
C ALA B 398 21.26 63.45 8.20
N SER B 399 19.93 63.42 8.14
CA SER B 399 19.14 63.72 9.32
C SER B 399 17.91 62.83 9.39
N THR B 400 17.24 62.89 10.53
CA THR B 400 16.04 62.11 10.77
C THR B 400 14.85 63.03 10.99
N PHE B 401 13.75 62.75 10.31
CA PHE B 401 12.53 63.52 10.46
C PHE B 401 11.63 62.67 11.35
N THR B 402 11.63 63.00 12.65
CA THR B 402 10.86 62.27 13.65
C THR B 402 9.38 62.64 13.79
N SER B 403 8.98 63.77 13.21
CA SER B 403 7.59 64.21 13.32
C SER B 403 6.60 63.11 12.95
N PHE B 404 6.92 62.33 11.93
CA PHE B 404 6.04 61.24 11.49
C PHE B 404 6.64 60.41 10.35
N GLY B 405 6.09 59.23 10.12
CA GLY B 405 6.58 58.35 9.07
C GLY B 405 5.47 57.83 8.17
N LYS B 406 5.53 56.55 7.84
CA LYS B 406 4.52 55.94 6.96
C LYS B 406 3.21 55.66 7.70
N LYS B 407 3.29 55.41 9.00
CA LYS B 407 2.10 55.14 9.79
C LYS B 407 1.22 56.37 9.99
N LEU B 408 1.45 57.41 9.19
CA LEU B 408 0.67 58.63 9.29
C LEU B 408 0.32 59.18 7.91
N THR B 409 1.31 59.32 7.04
CA THR B 409 1.06 59.80 5.69
C THR B 409 0.11 58.84 4.98
N LYS B 410 0.08 57.60 5.44
CA LYS B 410 -0.78 56.58 4.87
C LYS B 410 -2.20 56.75 5.40
N GLU B 411 -2.33 57.27 6.62
CA GLU B 411 -3.63 57.50 7.22
C GLU B 411 -4.38 58.50 6.36
N GLU B 412 -3.64 59.34 5.65
CA GLU B 412 -4.21 60.34 4.78
C GLU B 412 -4.26 59.78 3.35
N ALA B 413 -4.05 58.47 3.25
CA ALA B 413 -4.06 57.77 1.97
C ALA B 413 -2.99 58.27 1.00
N LEU B 414 -1.84 58.66 1.54
CA LEU B 414 -0.75 59.15 0.73
C LEU B 414 0.49 58.28 0.86
N HIS B 415 0.91 57.66 -0.24
CA HIS B 415 2.09 56.81 -0.24
C HIS B 415 3.30 57.61 0.23
N PRO B 416 4.02 57.10 1.23
CA PRO B 416 5.21 57.77 1.78
C PRO B 416 6.33 58.09 0.80
N ASP B 417 6.59 57.20 -0.16
CA ASP B 417 7.65 57.47 -1.12
C ASP B 417 7.28 58.68 -1.98
N THR B 418 6.07 58.65 -2.54
CA THR B 418 5.60 59.75 -3.37
C THR B 418 5.62 61.05 -2.57
N PHE B 419 5.29 60.94 -1.29
CA PHE B 419 5.26 62.08 -0.37
C PHE B 419 6.62 62.76 -0.32
N ILE B 420 7.66 61.95 -0.14
CA ILE B 420 9.02 62.47 -0.06
C ILE B 420 9.47 63.04 -1.39
N GLN B 421 9.11 62.36 -2.48
CA GLN B 421 9.50 62.83 -3.81
C GLN B 421 8.90 64.22 -4.08
N LEU B 422 7.61 64.38 -3.83
CA LEU B 422 6.98 65.67 -4.07
C LEU B 422 7.54 66.71 -3.11
N ALA B 423 7.84 66.28 -1.88
CA ALA B 423 8.41 67.21 -0.92
C ALA B 423 9.75 67.71 -1.46
N LEU B 424 10.54 66.80 -2.02
CA LEU B 424 11.85 67.16 -2.57
C LEU B 424 11.70 68.16 -3.71
N GLN B 425 10.66 67.96 -4.53
CA GLN B 425 10.39 68.88 -5.63
C GLN B 425 10.15 70.29 -5.07
N LEU B 426 9.31 70.39 -4.04
CA LEU B 426 9.03 71.68 -3.45
C LEU B 426 10.28 72.27 -2.82
N ALA B 427 11.03 71.44 -2.09
CA ALA B 427 12.25 71.89 -1.45
C ALA B 427 13.24 72.46 -2.45
N TYR B 428 13.43 71.75 -3.57
CA TYR B 428 14.36 72.23 -4.56
C TYR B 428 13.81 73.47 -5.26
N TYR B 429 12.51 73.46 -5.53
CA TYR B 429 11.87 74.59 -6.19
C TYR B 429 12.03 75.87 -5.39
N ARG B 430 11.84 75.77 -4.07
CA ARG B 430 11.98 76.91 -3.17
C ARG B 430 13.43 77.35 -2.98
N LEU B 431 14.33 76.38 -2.88
CA LEU B 431 15.75 76.67 -2.66
C LEU B 431 16.49 77.28 -3.85
N HIS B 432 16.25 76.75 -5.05
CA HIS B 432 16.94 77.24 -6.24
C HIS B 432 16.06 78.00 -7.22
N GLY B 433 14.79 78.19 -6.86
CA GLY B 433 13.87 78.94 -7.70
C GLY B 433 13.57 78.42 -9.09
N ARG B 434 13.62 77.11 -9.27
CA ARG B 434 13.32 76.52 -10.57
C ARG B 434 13.06 75.02 -10.40
N PRO B 435 12.33 74.42 -11.33
CA PRO B 435 12.07 72.97 -11.22
C PRO B 435 13.37 72.19 -11.31
N GLY B 436 13.56 71.21 -10.44
CA GLY B 436 14.77 70.42 -10.50
C GLY B 436 14.53 69.08 -11.19
N CYS B 437 15.04 68.90 -12.40
CA CYS B 437 14.82 67.61 -13.08
C CYS B 437 15.31 66.54 -12.11
N CYS B 438 14.48 65.54 -11.89
CA CYS B 438 14.78 64.50 -10.92
C CYS B 438 14.71 63.04 -11.39
N TYR B 439 15.65 62.26 -10.91
CA TYR B 439 15.75 60.84 -11.23
C TYR B 439 15.36 60.02 -10.01
N GLU B 440 14.35 59.19 -10.12
CA GLU B 440 13.99 58.32 -9.02
C GLU B 440 14.05 56.87 -9.50
N THR B 441 14.77 56.05 -8.76
CA THR B 441 14.92 54.65 -9.11
C THR B 441 13.60 53.90 -8.95
N ALA B 442 13.24 53.14 -9.97
CA ALA B 442 12.05 52.29 -9.89
C ALA B 442 12.60 50.91 -10.23
N MSE B 443 12.39 49.94 -9.35
CA MSE B 443 12.90 48.61 -9.60
C MSE B 443 12.01 47.90 -10.60
O MSE B 443 10.80 48.15 -10.65
CB MSE B 443 12.96 47.82 -8.28
CG MSE B 443 11.62 47.64 -7.60
SE MSE B 443 10.70 46.04 -8.17
CE MSE B 443 11.35 44.84 -6.82
N THR B 444 12.60 47.02 -11.41
CA THR B 444 11.83 46.28 -12.41
C THR B 444 12.08 44.79 -12.23
N ARG B 445 12.19 44.36 -10.98
CA ARG B 445 12.47 42.96 -10.67
C ARG B 445 11.34 41.99 -10.93
N TYR B 446 10.24 42.47 -11.50
CA TYR B 446 9.13 41.57 -11.84
C TYR B 446 9.65 40.73 -13.01
N PHE B 447 10.60 41.29 -13.74
CA PHE B 447 11.13 40.64 -14.93
C PHE B 447 12.48 40.01 -14.73
N TYR B 448 12.78 39.05 -15.61
CA TYR B 448 14.05 38.34 -15.57
C TYR B 448 15.23 39.29 -15.58
N HIS B 449 16.06 39.17 -14.55
CA HIS B 449 17.24 40.02 -14.38
C HIS B 449 16.89 41.50 -14.45
N GLY B 450 15.65 41.82 -14.11
CA GLY B 450 15.23 43.19 -14.14
C GLY B 450 16.01 43.99 -13.12
N ARG B 451 16.45 45.19 -13.48
CA ARG B 451 17.16 46.00 -12.52
C ARG B 451 16.40 47.29 -12.21
N THR B 452 16.51 48.29 -13.07
CA THR B 452 15.82 49.54 -12.78
C THR B 452 15.32 50.32 -13.98
N GLU B 453 14.44 51.28 -13.70
CA GLU B 453 13.91 52.17 -14.71
C GLU B 453 13.97 53.54 -14.05
N THR B 454 13.89 54.58 -14.86
CA THR B 454 13.90 55.94 -14.31
C THR B 454 12.50 56.49 -14.20
N VAL B 455 12.20 57.07 -13.04
CA VAL B 455 10.93 57.73 -12.80
C VAL B 455 11.30 59.22 -12.80
N ARG B 456 10.68 60.01 -13.68
CA ARG B 456 10.96 61.44 -13.76
C ARG B 456 9.97 62.23 -12.90
N SER B 457 10.34 62.41 -11.64
CA SER B 457 9.54 63.10 -10.63
C SER B 457 9.17 64.57 -10.90
N CYS B 458 9.97 65.27 -11.71
CA CYS B 458 9.66 66.67 -12.00
C CYS B 458 8.62 66.77 -13.11
N THR B 459 7.38 66.42 -12.79
CA THR B 459 6.26 66.45 -13.73
C THR B 459 5.59 67.83 -13.82
N VAL B 460 4.74 67.98 -14.84
CA VAL B 460 3.98 69.22 -15.01
C VAL B 460 3.10 69.38 -13.77
N GLU B 461 2.51 68.27 -13.32
CA GLU B 461 1.65 68.32 -12.15
C GLU B 461 2.42 68.76 -10.92
N ALA B 462 3.58 68.17 -10.68
CA ALA B 462 4.39 68.53 -9.51
C ALA B 462 4.79 70.00 -9.52
N VAL B 463 5.08 70.53 -10.70
CA VAL B 463 5.49 71.93 -10.81
C VAL B 463 4.32 72.86 -10.59
N ARG B 464 3.17 72.55 -11.17
CA ARG B 464 1.98 73.37 -10.98
C ARG B 464 1.69 73.42 -9.49
N TRP B 465 1.84 72.29 -8.82
CA TRP B 465 1.60 72.25 -7.38
C TRP B 465 2.61 73.12 -6.62
N CYS B 466 3.88 73.02 -6.98
CA CYS B 466 4.91 73.81 -6.32
C CYS B 466 4.60 75.30 -6.47
N GLN B 467 4.21 75.70 -7.68
CA GLN B 467 3.88 77.08 -7.95
C GLN B 467 2.68 77.55 -7.12
N SER B 468 1.72 76.66 -6.89
CA SER B 468 0.54 77.01 -6.12
C SER B 468 0.90 77.22 -4.66
N MSE B 469 1.86 76.45 -4.15
CA MSE B 469 2.30 76.57 -2.77
C MSE B 469 2.98 77.93 -2.57
O MSE B 469 3.09 78.42 -1.45
CB MSE B 469 3.29 75.46 -2.42
CG MSE B 469 2.70 74.07 -2.40
SE MSE B 469 1.38 73.87 -1.02
CE MSE B 469 2.58 73.68 0.50
N GLN B 470 3.45 78.53 -3.65
CA GLN B 470 4.12 79.82 -3.55
C GLN B 470 3.23 80.96 -4.07
N ASP B 471 1.98 80.64 -4.37
CA ASP B 471 1.06 81.63 -4.93
C ASP B 471 0.08 82.21 -3.89
N PRO B 472 0.21 83.51 -3.57
CA PRO B 472 -0.65 84.17 -2.59
C PRO B 472 -2.13 84.23 -3.00
N SER B 473 -2.41 83.90 -4.25
CA SER B 473 -3.79 83.90 -4.74
C SER B 473 -4.39 82.50 -4.66
N ALA B 474 -3.56 81.52 -4.34
CA ALA B 474 -4.03 80.14 -4.25
C ALA B 474 -4.61 79.80 -2.90
N SER B 475 -5.84 79.30 -2.92
CA SER B 475 -6.53 78.91 -1.70
C SER B 475 -5.97 77.55 -1.26
N LEU B 476 -6.15 77.21 0.01
CA LEU B 476 -5.68 75.93 0.52
C LEU B 476 -6.30 74.78 -0.26
N LEU B 477 -7.55 74.98 -0.68
CA LEU B 477 -8.26 73.96 -1.44
C LEU B 477 -7.56 73.71 -2.78
N GLU B 478 -7.20 74.80 -3.46
CA GLU B 478 -6.53 74.69 -4.74
C GLU B 478 -5.20 73.97 -4.56
N ARG B 479 -4.47 74.32 -3.51
CA ARG B 479 -3.19 73.71 -3.23
C ARG B 479 -3.34 72.22 -2.98
N GLN B 480 -4.36 71.86 -2.22
CA GLN B 480 -4.60 70.45 -1.92
C GLN B 480 -4.96 69.65 -3.16
N GLN B 481 -5.83 70.20 -4.00
CA GLN B 481 -6.24 69.56 -5.23
C GLN B 481 -5.04 69.30 -6.15
N LYS B 482 -4.20 70.32 -6.31
CA LYS B 482 -3.03 70.19 -7.15
C LYS B 482 -2.02 69.22 -6.56
N MSE B 483 -1.92 69.18 -5.24
CA MSE B 483 -0.99 68.26 -4.61
C MSE B 483 -1.46 66.83 -4.87
O MSE B 483 -0.66 65.96 -5.23
CB MSE B 483 -0.91 68.50 -3.09
CG MSE B 483 0.07 67.56 -2.40
SE MSE B 483 0.38 67.90 -0.53
CE MSE B 483 -1.14 66.96 0.18
N LEU B 484 -2.75 66.59 -4.70
CA LEU B 484 -3.30 65.25 -4.91
C LEU B 484 -3.12 64.83 -6.37
N GLU B 485 -3.28 65.78 -7.29
CA GLU B 485 -3.11 65.48 -8.70
C GLU B 485 -1.65 65.11 -8.96
N ALA B 486 -0.74 65.68 -8.19
CA ALA B 486 0.68 65.39 -8.37
C ALA B 486 0.95 63.99 -7.81
N PHE B 487 0.27 63.64 -6.73
CA PHE B 487 0.40 62.32 -6.12
C PHE B 487 -0.07 61.24 -7.09
N ALA B 488 -1.26 61.44 -7.66
CA ALA B 488 -1.83 60.48 -8.59
C ALA B 488 -0.94 60.29 -9.81
N LYS B 489 -0.38 61.39 -10.30
CA LYS B 489 0.51 61.32 -11.46
C LYS B 489 1.76 60.52 -11.13
N HIS B 490 2.35 60.81 -9.98
CA HIS B 490 3.55 60.12 -9.57
C HIS B 490 3.31 58.64 -9.30
N ASN B 491 2.22 58.32 -8.62
CA ASN B 491 1.93 56.92 -8.33
C ASN B 491 1.80 56.09 -9.60
N LYS B 492 1.16 56.67 -10.62
CA LYS B 492 1.00 55.94 -11.86
C LYS B 492 2.35 55.73 -12.54
N MSE B 493 3.16 56.78 -12.62
CA MSE B 493 4.48 56.68 -13.24
C MSE B 493 5.31 55.59 -12.59
O MSE B 493 5.92 54.75 -13.28
CB MSE B 493 5.27 57.99 -13.10
CG MSE B 493 4.94 59.07 -14.08
SE MSE B 493 6.40 60.32 -14.07
CE MSE B 493 6.34 60.81 -12.20
N MSE B 494 5.36 55.61 -11.27
CA MSE B 494 6.11 54.62 -10.53
C MSE B 494 5.59 53.21 -10.86
O MSE B 494 6.37 52.29 -11.06
CB MSE B 494 6.01 54.89 -9.03
CG MSE B 494 6.61 53.81 -8.15
SE MSE B 494 8.47 53.43 -8.54
CE MSE B 494 9.25 55.07 -7.89
N LYS B 495 4.27 53.05 -10.92
CA LYS B 495 3.70 51.74 -11.21
C LYS B 495 4.05 51.30 -12.63
N ASP B 496 3.89 52.20 -13.60
CA ASP B 496 4.18 51.89 -14.98
C ASP B 496 5.67 51.60 -15.17
N CYS B 497 6.53 52.45 -14.61
CA CYS B 497 7.96 52.23 -14.74
C CYS B 497 8.38 50.86 -14.19
N SER B 498 7.91 50.51 -12.99
CA SER B 498 8.27 49.21 -12.42
C SER B 498 7.67 48.06 -13.23
N HIS B 499 6.64 48.36 -14.01
CA HIS B 499 6.00 47.35 -14.85
C HIS B 499 6.65 47.28 -16.22
N GLY B 500 7.77 47.98 -16.39
CA GLY B 500 8.47 47.98 -17.67
C GLY B 500 7.86 48.88 -18.73
N LYS B 501 7.05 49.85 -18.32
CA LYS B 501 6.43 50.78 -19.26
C LYS B 501 7.05 52.16 -19.22
N GLY B 502 8.17 52.31 -18.51
CA GLY B 502 8.83 53.61 -18.46
C GLY B 502 9.42 53.90 -19.82
N PHE B 503 10.18 54.98 -19.97
CA PHE B 503 10.74 55.29 -21.27
C PHE B 503 12.24 55.62 -21.33
N ASP B 504 12.87 55.86 -20.19
CA ASP B 504 14.29 56.21 -20.23
C ASP B 504 15.17 55.11 -20.81
N ARG B 505 15.03 53.87 -20.32
CA ARG B 505 15.84 52.78 -20.83
C ARG B 505 15.52 52.53 -22.28
N HIS B 506 14.25 52.68 -22.63
CA HIS B 506 13.79 52.50 -23.99
C HIS B 506 14.57 53.42 -24.92
N LEU B 507 14.57 54.71 -24.60
CA LEU B 507 15.28 55.69 -25.43
C LEU B 507 16.77 55.41 -25.50
N LEU B 508 17.33 54.90 -24.41
CA LEU B 508 18.74 54.56 -24.38
C LEU B 508 18.95 53.44 -25.39
N GLY B 509 18.05 52.46 -25.39
CA GLY B 509 18.15 51.35 -26.32
C GLY B 509 18.23 51.81 -27.76
N LEU B 510 17.32 52.70 -28.15
CA LEU B 510 17.31 53.20 -29.51
C LEU B 510 18.63 53.89 -29.82
N LEU B 511 19.17 54.65 -28.86
CA LEU B 511 20.45 55.33 -29.07
C LEU B 511 21.55 54.32 -29.29
N LEU B 512 21.57 53.27 -28.46
CA LEU B 512 22.62 52.25 -28.58
C LEU B 512 22.53 51.52 -29.92
N ILE B 513 21.31 51.22 -30.37
CA ILE B 513 21.17 50.55 -31.66
C ILE B 513 21.73 51.49 -32.72
N ALA B 514 21.40 52.77 -32.59
CA ALA B 514 21.90 53.77 -33.53
C ALA B 514 23.43 53.73 -33.56
N LYS B 515 24.04 53.71 -32.38
CA LYS B 515 25.50 53.67 -32.31
C LYS B 515 26.10 52.40 -32.90
N GLU B 516 25.50 51.25 -32.62
CA GLU B 516 26.01 49.98 -33.13
C GLU B 516 25.95 49.91 -34.65
N GLU B 517 25.16 50.79 -35.26
CA GLU B 517 25.03 50.81 -36.71
C GLU B 517 25.89 51.94 -37.28
N GLY B 518 26.77 52.49 -36.45
CA GLY B 518 27.65 53.55 -36.90
C GLY B 518 26.90 54.77 -37.41
N LEU B 519 25.65 54.91 -37.00
CA LEU B 519 24.83 56.04 -37.43
C LEU B 519 25.09 57.25 -36.54
N PRO B 520 24.99 58.46 -37.09
CA PRO B 520 25.23 59.60 -36.21
C PRO B 520 24.12 59.65 -35.15
N VAL B 521 24.36 60.42 -34.09
CA VAL B 521 23.40 60.56 -33.01
C VAL B 521 22.15 61.26 -33.49
N PRO B 522 20.98 60.60 -33.36
CA PRO B 522 19.72 61.23 -33.80
C PRO B 522 19.56 62.58 -33.09
N GLU B 523 19.07 63.57 -33.83
CA GLU B 523 18.90 64.92 -33.27
C GLU B 523 18.00 64.95 -32.03
N LEU B 524 17.24 63.89 -31.81
CA LEU B 524 16.38 63.83 -30.63
C LEU B 524 17.24 63.95 -29.38
N PHE B 525 18.39 63.27 -29.39
CA PHE B 525 19.29 63.26 -28.24
C PHE B 525 20.21 64.47 -28.16
N GLU B 526 20.25 65.30 -29.20
CA GLU B 526 21.12 66.48 -29.18
C GLU B 526 20.32 67.71 -28.82
N ASP B 527 19.00 67.59 -28.94
CA ASP B 527 18.06 68.66 -28.60
C ASP B 527 18.37 69.09 -27.17
N PRO B 528 18.60 70.41 -26.95
CA PRO B 528 18.90 70.91 -25.61
C PRO B 528 17.94 70.41 -24.53
N LEU B 529 16.66 70.29 -24.88
CA LEU B 529 15.67 69.83 -23.91
C LEU B 529 15.91 68.38 -23.46
N PHE B 530 16.59 67.60 -24.28
CA PHE B 530 16.84 66.21 -23.91
C PHE B 530 17.72 66.14 -22.65
N SER B 531 18.74 66.98 -22.61
CA SER B 531 19.65 67.01 -21.47
C SER B 531 19.12 67.90 -20.35
N ARG B 532 18.45 69.00 -20.70
CA ARG B 532 17.90 69.87 -19.67
C ARG B 532 16.86 69.11 -18.84
N SER B 533 16.16 68.16 -19.45
CA SER B 533 15.17 67.38 -18.71
C SER B 533 15.82 66.25 -17.92
N GLY B 534 17.15 66.15 -17.99
CA GLY B 534 17.86 65.14 -17.24
C GLY B 534 18.57 64.06 -18.05
N GLY B 535 18.17 63.88 -19.31
CA GLY B 535 18.79 62.88 -20.14
C GLY B 535 20.27 63.13 -20.33
N GLY B 536 21.03 62.06 -20.51
CA GLY B 536 22.46 62.19 -20.70
C GLY B 536 23.20 62.33 -19.37
N GLY B 537 22.65 61.73 -18.32
CA GLY B 537 23.28 61.82 -17.00
C GLY B 537 23.32 63.24 -16.46
N ASN B 538 22.25 63.99 -16.67
CA ASN B 538 22.18 65.37 -16.21
C ASN B 538 21.12 65.69 -15.15
N PHE B 539 20.73 64.71 -14.34
CA PHE B 539 19.72 64.97 -13.31
C PHE B 539 20.29 65.73 -12.11
N VAL B 540 19.76 66.91 -11.82
CA VAL B 540 20.26 67.67 -10.68
C VAL B 540 19.80 67.02 -9.39
N LEU B 541 18.80 66.14 -9.49
CA LEU B 541 18.33 65.41 -8.34
C LEU B 541 18.43 63.93 -8.72
N SER B 542 19.34 63.23 -8.05
CA SER B 542 19.59 61.82 -8.28
C SER B 542 19.09 61.15 -7.01
N THR B 543 18.00 60.39 -7.13
CA THR B 543 17.39 59.81 -5.94
C THR B 543 16.87 58.39 -6.00
N SER B 544 16.61 57.87 -4.82
CA SER B 544 16.06 56.54 -4.69
C SER B 544 15.61 56.22 -3.27
N LEU B 545 14.55 55.42 -3.15
CA LEU B 545 14.08 54.99 -1.86
C LEU B 545 15.03 53.84 -1.53
N VAL B 546 15.56 53.80 -0.31
CA VAL B 546 16.48 52.75 0.06
C VAL B 546 15.74 51.62 0.78
N GLY B 547 14.45 51.83 1.03
CA GLY B 547 13.65 50.78 1.66
C GLY B 547 12.92 51.08 2.95
N TYR B 548 12.46 50.01 3.59
CA TYR B 548 11.75 50.08 4.85
C TYR B 548 12.44 49.15 5.85
N LEU B 549 13.75 48.98 5.72
CA LEU B 549 14.47 48.09 6.61
C LEU B 549 15.53 48.74 7.50
N ARG B 550 15.27 49.96 7.94
CA ARG B 550 16.19 50.69 8.81
C ARG B 550 17.61 50.84 8.28
N VAL B 551 17.78 50.75 6.97
CA VAL B 551 19.11 50.91 6.39
C VAL B 551 19.12 52.14 5.50
N GLN B 552 20.19 52.94 5.61
CA GLN B 552 20.33 54.14 4.80
C GLN B 552 21.65 54.16 4.04
N GLY B 553 21.62 54.71 2.83
CA GLY B 553 22.84 54.80 2.03
C GLY B 553 22.85 56.05 1.17
N VAL B 554 23.95 56.24 0.43
CA VAL B 554 24.08 57.36 -0.50
C VAL B 554 25.16 57.11 -1.53
N VAL B 555 25.13 57.97 -2.55
CA VAL B 555 26.10 57.98 -3.64
C VAL B 555 26.30 59.47 -3.89
N VAL B 556 27.34 59.84 -4.63
CA VAL B 556 27.55 61.26 -4.90
C VAL B 556 26.57 61.68 -5.99
N PRO B 557 26.47 63.00 -6.26
CA PRO B 557 25.57 63.54 -7.27
C PRO B 557 25.91 63.01 -8.66
N MSE B 558 24.96 63.15 -9.58
CA MSE B 558 25.17 62.69 -10.96
C MSE B 558 25.86 63.80 -11.75
O MSE B 558 26.51 63.55 -12.76
CB MSE B 558 23.82 62.38 -11.60
CG MSE B 558 23.91 61.65 -12.93
SE MSE B 558 22.17 61.40 -13.73
CE MSE B 558 21.39 60.23 -12.41
N VAL B 559 25.70 65.04 -11.29
CA VAL B 559 26.30 66.17 -11.96
C VAL B 559 26.91 67.14 -10.96
N HIS B 560 27.86 67.94 -11.42
CA HIS B 560 28.54 68.89 -10.55
C HIS B 560 27.59 69.78 -9.74
N ASN B 561 26.58 70.34 -10.41
CA ASN B 561 25.63 71.22 -9.74
C ASN B 561 24.37 70.46 -9.37
N GLY B 562 24.56 69.22 -8.90
CA GLY B 562 23.43 68.41 -8.52
C GLY B 562 23.52 67.87 -7.11
N TYR B 563 22.49 67.13 -6.71
CA TYR B 563 22.43 66.53 -5.39
C TYR B 563 22.12 65.06 -5.54
N GLY B 564 22.50 64.31 -4.52
CA GLY B 564 22.18 62.91 -4.45
C GLY B 564 21.21 62.99 -3.27
N PHE B 565 20.05 62.34 -3.34
CA PHE B 565 19.13 62.40 -2.24
C PHE B 565 18.46 61.05 -2.06
N PHE B 566 18.82 60.40 -0.96
CA PHE B 566 18.33 59.07 -0.65
C PHE B 566 17.69 59.04 0.72
N TYR B 567 16.78 58.09 0.92
CA TYR B 567 16.04 57.99 2.16
C TYR B 567 15.42 56.63 2.37
N HIS B 568 14.97 56.37 3.60
CA HIS B 568 14.29 55.13 3.91
C HIS B 568 13.14 55.50 4.84
N ILE B 569 12.10 54.70 4.80
CA ILE B 569 10.89 54.98 5.56
C ILE B 569 10.59 54.04 6.71
N ARG B 570 10.44 54.63 7.89
CA ARG B 570 10.12 53.87 9.09
C ARG B 570 8.69 54.22 9.45
N ASP B 571 8.09 53.44 10.34
CA ASP B 571 6.71 53.67 10.74
C ASP B 571 6.46 55.06 11.31
N ASP B 572 7.40 55.58 12.10
CA ASP B 572 7.23 56.88 12.72
C ASP B 572 8.26 57.92 12.34
N ARG B 573 8.99 57.70 11.25
CA ARG B 573 10.00 58.67 10.85
C ARG B 573 10.52 58.43 9.45
N PHE B 574 11.18 59.45 8.90
CA PHE B 574 11.80 59.37 7.59
C PHE B 574 13.27 59.66 7.82
N VAL B 575 14.15 58.91 7.17
CA VAL B 575 15.57 59.14 7.31
C VAL B 575 16.10 59.54 5.94
N VAL B 576 16.87 60.61 5.89
CA VAL B 576 17.43 61.08 4.62
C VAL B 576 18.93 61.27 4.66
N ALA B 577 19.55 61.12 3.49
CA ALA B 577 20.98 61.31 3.33
C ALA B 577 21.10 62.07 2.00
N CYS B 578 21.76 63.22 2.03
CA CYS B 578 21.89 64.05 0.85
C CYS B 578 23.34 64.43 0.56
N SER B 579 23.72 64.42 -0.71
CA SER B 579 25.09 64.75 -1.08
C SER B 579 25.19 65.86 -2.11
N SER B 580 26.29 66.59 -2.08
CA SER B 580 26.54 67.66 -3.03
C SER B 580 28.04 67.96 -3.03
N TRP B 581 28.50 68.69 -4.05
CA TRP B 581 29.91 69.02 -4.16
C TRP B 581 30.18 70.47 -3.70
N ARG B 582 31.08 70.63 -2.73
CA ARG B 582 31.42 71.97 -2.22
C ARG B 582 31.81 72.91 -3.34
N SER B 583 32.63 72.42 -4.27
CA SER B 583 33.12 73.22 -5.40
C SER B 583 32.02 73.83 -6.27
N CYS B 584 30.77 73.42 -6.06
CA CYS B 584 29.66 74.00 -6.83
C CYS B 584 29.02 75.01 -5.87
N PRO B 585 29.14 76.31 -6.17
CA PRO B 585 28.57 77.35 -5.30
C PRO B 585 27.07 77.20 -5.07
N GLU B 586 26.34 76.85 -6.12
CA GLU B 586 24.89 76.73 -6.06
C GLU B 586 24.29 75.75 -5.05
N THR B 587 24.79 74.51 -5.05
CA THR B 587 24.23 73.48 -4.18
C THR B 587 24.64 73.52 -2.72
N ASP B 588 23.79 72.92 -1.88
CA ASP B 588 24.03 72.85 -0.44
C ASP B 588 23.15 71.75 0.16
N ALA B 589 23.71 70.57 0.37
CA ALA B 589 22.98 69.44 0.92
C ALA B 589 22.31 69.76 2.26
N GLU B 590 23.02 70.56 3.06
CA GLU B 590 22.53 70.95 4.38
C GLU B 590 21.19 71.68 4.26
N LYS B 591 21.14 72.70 3.40
CA LYS B 591 19.93 73.48 3.21
C LYS B 591 18.78 72.72 2.57
N LEU B 592 19.09 71.91 1.55
CA LEU B 592 18.04 71.14 0.88
C LEU B 592 17.35 70.24 1.89
N VAL B 593 18.12 69.63 2.78
CA VAL B 593 17.53 68.76 3.80
C VAL B 593 16.63 69.60 4.70
N GLN B 594 17.09 70.79 5.06
CA GLN B 594 16.31 71.69 5.89
C GLN B 594 15.04 72.05 5.16
N MSE B 595 15.19 72.39 3.88
CA MSE B 595 14.06 72.77 3.06
C MSE B 595 13.04 71.65 2.92
O MSE B 595 11.83 71.91 2.96
CB MSE B 595 14.52 73.22 1.68
CG MSE B 595 15.27 74.55 1.66
SE MSE B 595 14.22 76.01 2.40
CE MSE B 595 12.67 75.89 1.28
N ILE B 596 13.48 70.41 2.76
CA ILE B 596 12.52 69.33 2.60
C ILE B 596 11.79 69.01 3.90
N PHE B 597 12.43 69.28 5.04
CA PHE B 597 11.78 69.04 6.32
C PHE B 597 10.65 70.05 6.48
N HIS B 598 10.89 71.29 6.07
CA HIS B 598 9.85 72.31 6.14
C HIS B 598 8.74 71.93 5.17
N ALA B 599 9.14 71.31 4.06
CA ALA B 599 8.19 70.88 3.05
C ALA B 599 7.27 69.80 3.61
N PHE B 600 7.83 68.86 4.37
CA PHE B 600 7.01 67.79 4.97
C PHE B 600 5.92 68.40 5.83
N HIS B 601 6.30 69.42 6.61
CA HIS B 601 5.35 70.08 7.50
C HIS B 601 4.23 70.79 6.76
N ASP B 602 4.60 71.60 5.77
CA ASP B 602 3.61 72.34 5.00
C ASP B 602 2.60 71.42 4.32
N MSE B 603 3.09 70.33 3.77
CA MSE B 603 2.24 69.36 3.09
C MSE B 603 1.23 68.74 4.03
O MSE B 603 0.06 68.56 3.69
CB MSE B 603 3.09 68.28 2.43
CG MSE B 603 3.96 68.79 1.30
SE MSE B 603 5.22 67.47 0.69
CE MSE B 603 3.99 66.14 0.05
N ILE B 604 1.69 68.38 5.22
CA ILE B 604 0.82 67.78 6.22
C ILE B 604 -0.19 68.79 6.74
N GLN B 605 0.30 69.99 7.05
CA GLN B 605 -0.57 71.04 7.54
C GLN B 605 -1.68 71.27 6.52
N LEU B 606 -1.35 71.10 5.25
CA LEU B 606 -2.28 71.28 4.16
C LEU B 606 -3.37 70.21 4.15
N MSE B 607 -3.05 69.03 4.70
CA MSE B 607 -4.01 67.94 4.75
C MSE B 607 -4.87 68.06 6.01
O MSE B 607 -6.01 67.59 6.04
CB MSE B 607 -3.28 66.59 4.75
CG MSE B 607 -2.71 66.18 3.41
SE MSE B 607 -4.08 65.73 2.10
CE MSE B 607 -4.35 67.47 1.33
N ASN B 608 -4.33 68.72 7.03
CA ASN B 608 -5.06 68.90 8.29
C ASN B 608 -5.97 70.12 8.22
N THR B 609 -5.38 71.27 7.92
CA THR B 609 -6.14 72.52 7.82
C THR B 609 -7.23 72.39 6.76
N ALA B 610 -7.12 71.35 5.93
CA ALA B 610 -8.09 71.09 4.89
C ALA B 610 -8.75 69.73 5.09
C1 152 C . -18.86 -58.14 4.52
O1A 152 C . -18.54 -58.51 5.66
O1B 152 C . -18.38 -58.63 3.49
C2 152 C . -19.89 -57.02 4.37
C3 152 C . -19.75 -56.24 3.05
O3 152 C . -20.84 -55.31 2.93
C4 152 C . -18.41 -55.49 3.07
N5 152 C . -18.25 -54.67 1.86
C5A 152 C . -18.75 -55.37 0.69
C5B 152 C . -18.98 -53.41 2.04
C5C 152 C . -16.83 -54.36 1.67
CAA OCB D . 22.96 51.09 1.52
CAB OCB D . 21.97 51.66 0.51
CAC OCB D . 22.70 52.37 -0.65
CAD OCB D . 21.69 52.92 -1.65
CAE OCB D . 22.39 53.48 -2.88
CAF OCB D . 21.37 53.81 -3.98
CAG OCB D . 22.08 54.13 -5.29
CAH OCB D . 21.08 54.24 -6.45
OAI OCB D . 19.88 54.39 -6.24
OAK OCB D . 21.57 54.20 -7.72
CAP OCB D . 20.54 54.26 -8.73
CAQ OCB D . 20.50 52.89 -9.42
CAR OCB D . 19.56 52.85 -10.62
OAL OCB D . 19.89 52.23 -11.64
OAS OCB D . 18.47 53.43 -10.60
CAO OCB D . 20.92 55.34 -9.77
NAN OCB D . 21.04 56.69 -9.22
CAT OCB D . 21.25 57.61 -10.36
CAJ OCB D . 22.20 56.80 -8.32
CAM OCB D . 19.83 57.11 -8.51
C1 MPD E . 43.75 29.33 -1.37
C2 MPD E . 43.37 30.67 -0.75
O2 MPD E . 44.61 31.38 -0.55
CM MPD E . 42.48 31.46 -1.65
C3 MPD E . 42.68 30.54 0.62
C4 MPD E . 43.53 29.98 1.76
O4 MPD E . 44.31 30.98 2.35
C5 MPD E . 42.66 29.38 2.85
C1 MPD F . 2.54 65.52 -30.14
C2 MPD F . 3.44 65.11 -31.29
O2 MPD F . 2.64 65.19 -32.48
CM MPD F . 4.62 66.02 -31.40
C3 MPD F . 3.93 63.65 -31.16
C4 MPD F . 4.57 63.04 -32.40
O4 MPD F . 5.77 62.37 -32.08
C5 MPD F . 3.65 62.03 -33.07
C1 MPD G . 7.75 40.53 -27.24
C2 MPD G . 8.63 40.41 -28.47
O2 MPD G . 9.35 41.66 -28.57
CM MPD G . 9.59 39.28 -28.34
C3 MPD G . 7.85 40.23 -29.79
C4 MPD G . 6.98 41.41 -30.25
O4 MPD G . 7.40 41.86 -31.52
C5 MPD G . 5.52 41.00 -30.37
C1 MPD H . 20.96 57.89 -16.79
C2 MPD H . 22.22 57.30 -16.22
O2 MPD H . 22.52 56.15 -17.03
CM MPD H . 23.35 58.28 -16.25
C3 MPD H . 22.01 56.80 -14.76
C4 MPD H . 23.11 55.95 -14.14
O4 MPD H . 24.08 56.77 -13.51
C5 MPD H . 22.55 55.01 -13.08
C1 MPD I . 35.75 35.94 22.17
C2 MPD I . 35.16 37.03 23.05
O2 MPD I . 34.17 36.38 23.87
CM MPD I . 36.21 37.64 23.91
C3 MPD I . 34.46 38.16 22.27
C4 MPD I . 33.14 37.82 21.58
O4 MPD I . 32.05 38.16 22.40
C5 MPD I . 33.00 38.56 20.27
#